data_3KAK
#
_entry.id   3KAK
#
_cell.length_a   64.880
_cell.length_b   80.950
_cell.length_c   89.120
_cell.angle_alpha   90.00
_cell.angle_beta   95.96
_cell.angle_gamma   90.00
#
_symmetry.space_group_name_H-M   'P 1 21 1'
#
loop_
_entity.id
_entity.type
_entity.pdbx_description
1 polymer 'Homoglutathione synthetase'
2 non-polymer GAMMA-GLUTAMYLCYSTEINE
3 water water
#
_entity_poly.entity_id   1
_entity_poly.type   'polypeptide(L)'
_entity_poly.pdbx_seq_one_letter_code
;MSQPLTTNSVLVEEAAADGDSSAAAPPLFDYHRIDQKLLQNIVYDALVWSTLNCLLVGDKSVQRSGRVPGVGLVHLPLSL
LPGPFPESHWKQGCELAPIFNELVDRVSLDGKFLQESLSRTKNADEFTSRLLDIHSKMLQINKKEDIRMGIVRSDYMIDE
KTKSLLQIEMNTISTSFALIGCLMTGLHKSLLSQYGKFLGLNSNRVPANNAVDQSAEALAKAWSEYNNPRAAILVVVQVE
ERNMYEQHYISALLREKHHIRSIRKTLTEIDQEGKILPDGTLSVDGQAISVVYFRAGYTPKDYPSESEWRARLLMEQSSA
IKCPTISYHLVGTKKIQQELAKPGVLERFVENKDHIAKLRACFAGLWSLEDSDIVKKAIENPELFVMKPQREGGGNNIYG
DELRETLLKLQEAGSQEDAAYILMQRIFPATSPAILVRDGNWDTGHVISEAGIFGTYLRNKDKIIINNESGYMVRTKISS
SYEGGVLPGFGVVDTVYLT
;
_entity_poly.pdbx_strand_id   A,B
#
loop_
_chem_comp.id
_chem_comp.type
_chem_comp.name
_chem_comp.formula
3GC non-polymer GAMMA-GLUTAMYLCYSTEINE 'C8 H14 N2 O5 S'
#
# COMPACT_ATOMS: atom_id res chain seq x y z
N PRO A 27 7.65 -29.20 20.27
CA PRO A 27 7.18 -28.09 19.43
C PRO A 27 6.44 -27.03 20.27
N LEU A 28 6.87 -25.76 20.15
CA LEU A 28 6.45 -24.65 21.07
C LEU A 28 5.51 -23.62 20.34
N PHE A 29 5.86 -23.75 19.06
CA PHE A 29 5.06 -23.58 17.88
C PHE A 29 5.90 -23.84 16.64
N ASP A 30 5.82 -25.12 16.45
CA ASP A 30 6.07 -25.86 15.22
C ASP A 30 4.81 -25.56 14.45
N TYR A 31 4.92 -24.63 13.53
CA TYR A 31 3.74 -24.00 13.04
C TYR A 31 3.00 -24.94 12.08
N HIS A 32 3.66 -26.05 11.71
CA HIS A 32 3.10 -27.08 10.78
C HIS A 32 1.92 -27.81 11.40
N ARG A 33 1.95 -27.93 12.72
CA ARG A 33 0.87 -28.47 13.54
C ARG A 33 -0.44 -27.69 13.38
N ILE A 34 -0.35 -26.37 13.26
CA ILE A 34 -1.55 -25.54 13.25
C ILE A 34 -2.48 -26.13 12.19
N ASP A 35 -3.73 -26.33 12.59
CA ASP A 35 -4.77 -26.95 11.76
C ASP A 35 -4.93 -26.19 10.44
N GLN A 36 -5.12 -26.92 9.35
CA GLN A 36 -5.10 -26.31 8.00
C GLN A 36 -6.30 -25.37 7.67
N LYS A 37 -7.15 -25.10 8.66
CA LYS A 37 -8.43 -24.41 8.46
C LYS A 37 -8.20 -23.02 8.98
N LEU A 38 -7.63 -22.95 10.19
CA LEU A 38 -7.17 -21.71 10.77
C LEU A 38 -6.00 -21.10 9.99
N LEU A 39 -5.20 -21.91 9.19
CA LEU A 39 -4.12 -21.19 8.49
C LEU A 39 -4.63 -20.61 7.15
N GLN A 40 -5.67 -21.18 6.54
N GLN A 40 -5.68 -21.12 6.52
CA GLN A 40 -6.28 -20.60 5.35
CA GLN A 40 -6.10 -20.44 5.33
C GLN A 40 -6.66 -19.12 5.70
C GLN A 40 -6.55 -19.03 5.73
N ASN A 41 -7.15 -18.93 6.91
CA ASN A 41 -7.58 -17.61 7.39
C ASN A 41 -6.48 -16.64 7.72
N ILE A 42 -5.45 -17.09 8.44
CA ILE A 42 -4.34 -16.22 8.88
C ILE A 42 -3.69 -15.70 7.58
N VAL A 43 -3.39 -16.62 6.65
CA VAL A 43 -2.74 -16.35 5.39
C VAL A 43 -3.54 -15.35 4.63
N TYR A 44 -4.84 -15.58 4.58
CA TYR A 44 -5.81 -14.61 3.99
C TYR A 44 -5.71 -13.20 4.55
N ASP A 45 -5.70 -13.08 5.88
CA ASP A 45 -5.51 -11.81 6.51
C ASP A 45 -4.13 -11.23 6.19
N ALA A 46 -3.12 -12.13 6.05
CA ALA A 46 -1.73 -11.73 5.86
C ALA A 46 -1.64 -11.12 4.51
N LEU A 47 -2.42 -11.64 3.55
CA LEU A 47 -2.41 -11.22 2.16
C LEU A 47 -3.15 -9.88 1.96
N VAL A 48 -4.25 -9.73 2.70
CA VAL A 48 -4.92 -8.42 2.79
C VAL A 48 -3.97 -7.29 3.33
N TRP A 49 -3.42 -7.46 4.52
CA TRP A 49 -2.56 -6.52 5.14
C TRP A 49 -1.45 -6.11 4.21
N SER A 50 -0.77 -7.06 3.54
CA SER A 50 0.37 -6.77 2.62
C SER A 50 -0.13 -5.84 1.50
N THR A 51 -1.34 -6.04 1.00
CA THR A 51 -1.81 -5.19 -0.10
C THR A 51 -2.06 -3.83 0.52
N LEU A 52 -2.74 -3.77 1.66
CA LEU A 52 -3.14 -2.44 2.15
C LEU A 52 -1.98 -1.59 2.54
N ASN A 53 -0.89 -2.23 2.87
CA ASN A 53 0.22 -1.55 3.45
C ASN A 53 1.46 -1.54 2.53
N CYS A 54 1.29 -1.98 1.26
CA CYS A 54 2.42 -1.91 0.36
C CYS A 54 3.63 -2.73 0.73
N LEU A 55 3.34 -3.93 1.16
CA LEU A 55 4.31 -4.98 1.21
C LEU A 55 4.24 -5.59 -0.16
N LEU A 56 4.69 -4.83 -1.15
CA LEU A 56 4.50 -5.22 -2.55
C LEU A 56 5.71 -5.00 -3.44
N VAL A 57 5.83 -5.91 -4.40
CA VAL A 57 6.92 -5.81 -5.36
C VAL A 57 6.34 -6.16 -6.75
N GLY A 58 7.03 -5.74 -7.81
CA GLY A 58 6.79 -6.22 -9.13
C GLY A 58 6.87 -7.74 -9.20
N ASP A 59 5.85 -8.32 -9.78
CA ASP A 59 5.93 -9.74 -10.16
C ASP A 59 7.07 -9.94 -11.15
N LYS A 60 8.04 -10.80 -10.85
CA LYS A 60 9.00 -11.33 -11.86
C LYS A 60 8.30 -11.84 -13.14
N SER A 61 7.10 -12.37 -13.00
CA SER A 61 6.44 -12.95 -14.18
C SER A 61 5.92 -11.87 -15.17
N VAL A 62 5.74 -10.64 -14.70
CA VAL A 62 5.18 -9.55 -15.55
C VAL A 62 6.32 -8.68 -16.11
N GLN A 63 6.34 -8.46 -17.44
CA GLN A 63 7.62 -7.98 -18.02
C GLN A 63 7.99 -6.50 -17.70
N ARG A 64 6.99 -5.63 -17.51
CA ARG A 64 7.28 -4.21 -17.23
C ARG A 64 7.34 -3.89 -15.77
N SER A 65 7.17 -4.86 -14.86
CA SER A 65 6.90 -4.55 -13.43
C SER A 65 8.09 -3.95 -12.64
N GLY A 66 9.28 -4.07 -13.21
CA GLY A 66 10.48 -3.39 -12.74
C GLY A 66 10.80 -2.01 -13.33
N ARG A 67 9.97 -1.49 -14.22
CA ARG A 67 10.21 -0.14 -14.79
C ARG A 67 8.94 0.72 -14.71
N VAL A 68 7.79 0.09 -14.92
CA VAL A 68 6.54 0.78 -14.74
C VAL A 68 5.82 0.55 -13.39
N PRO A 69 5.76 1.57 -12.51
CA PRO A 69 5.08 1.40 -11.21
C PRO A 69 3.58 1.17 -11.42
N GLY A 70 2.94 0.51 -10.51
CA GLY A 70 1.44 0.52 -10.55
C GLY A 70 0.85 -0.65 -11.31
N VAL A 71 1.74 -1.48 -11.88
CA VAL A 71 1.37 -2.59 -12.76
C VAL A 71 2.16 -3.85 -12.38
N GLY A 72 1.54 -5.03 -12.56
CA GLY A 72 2.21 -6.32 -12.36
C GLY A 72 2.70 -6.53 -10.92
N LEU A 73 1.86 -6.16 -9.94
CA LEU A 73 2.21 -6.05 -8.50
C LEU A 73 1.87 -7.32 -7.76
N VAL A 74 2.63 -7.62 -6.73
CA VAL A 74 2.41 -8.88 -5.99
C VAL A 74 2.97 -8.75 -4.55
N HIS A 75 2.42 -9.46 -3.58
CA HIS A 75 2.89 -9.34 -2.20
C HIS A 75 4.29 -9.87 -2.21
N LEU A 76 5.18 -9.34 -1.35
CA LEU A 76 6.48 -9.96 -1.07
C LEU A 76 6.30 -11.40 -0.61
N PRO A 77 7.11 -12.36 -1.14
CA PRO A 77 7.10 -13.69 -0.53
C PRO A 77 7.47 -13.64 0.95
N LEU A 78 6.79 -14.45 1.78
CA LEU A 78 6.79 -14.17 3.18
C LEU A 78 6.59 -15.40 4.09
N SER A 79 7.15 -15.33 5.29
CA SER A 79 6.91 -16.37 6.27
C SER A 79 5.75 -15.87 7.02
N LEU A 80 4.83 -16.76 7.36
CA LEU A 80 3.52 -16.32 7.81
C LEU A 80 3.60 -15.78 9.21
N LEU A 81 4.45 -16.36 10.02
CA LEU A 81 4.53 -16.07 11.43
C LEU A 81 5.98 -16.13 11.82
N PRO A 82 6.36 -15.34 12.81
CA PRO A 82 7.78 -15.17 13.01
C PRO A 82 8.46 -16.35 13.65
N GLY A 83 9.75 -16.48 13.41
CA GLY A 83 10.49 -17.58 14.03
C GLY A 83 11.18 -17.07 15.27
N PRO A 84 11.62 -17.97 16.13
CA PRO A 84 12.17 -17.64 17.46
C PRO A 84 13.66 -17.26 17.46
N PHE A 85 14.04 -16.27 18.29
CA PHE A 85 15.42 -15.78 18.33
C PHE A 85 15.64 -15.34 19.78
N PRO A 86 16.65 -15.92 20.49
CA PRO A 86 16.77 -15.49 21.89
C PRO A 86 16.85 -13.97 22.03
N GLU A 87 16.08 -13.38 22.97
CA GLU A 87 16.21 -11.95 23.40
C GLU A 87 17.67 -11.50 23.63
N SER A 88 18.45 -12.33 24.31
CA SER A 88 19.82 -11.92 24.60
C SER A 88 20.59 -11.71 23.31
N HIS A 89 20.54 -12.68 22.37
CA HIS A 89 21.30 -12.54 21.09
C HIS A 89 20.74 -11.41 20.22
N TRP A 90 19.46 -11.11 20.34
CA TRP A 90 18.97 -9.89 19.72
C TRP A 90 19.56 -8.62 20.39
N LYS A 91 19.71 -8.59 21.72
CA LYS A 91 20.35 -7.46 22.41
C LYS A 91 21.77 -7.26 21.97
N GLN A 92 22.45 -8.39 21.89
CA GLN A 92 23.80 -8.44 21.44
C GLN A 92 23.95 -7.78 20.05
N GLY A 93 23.12 -8.16 19.11
CA GLY A 93 23.15 -7.55 17.72
C GLY A 93 22.87 -6.06 17.67
N CYS A 94 21.86 -5.63 18.41
CA CYS A 94 21.60 -4.24 18.70
C CYS A 94 22.78 -3.36 19.18
N GLU A 95 23.58 -3.83 20.14
CA GLU A 95 24.81 -3.11 20.63
C GLU A 95 26.01 -3.19 19.67
N LEU A 96 26.10 -4.26 18.91
CA LEU A 96 27.04 -4.25 17.77
C LEU A 96 26.82 -3.16 16.76
N ALA A 97 25.60 -2.67 16.67
CA ALA A 97 25.30 -1.82 15.46
C ALA A 97 26.19 -0.59 15.32
N PRO A 98 26.28 0.24 16.37
CA PRO A 98 27.19 1.38 16.38
C PRO A 98 28.67 1.01 16.49
N ILE A 99 28.98 -0.11 17.12
CA ILE A 99 30.36 -0.62 17.05
C ILE A 99 30.84 -0.92 15.60
N PHE A 100 30.03 -1.67 14.85
CA PHE A 100 30.28 -1.91 13.39
C PHE A 100 30.34 -0.59 12.58
N ASN A 101 29.47 0.37 12.84
CA ASN A 101 29.52 1.68 12.17
C ASN A 101 30.85 2.39 12.28
N GLU A 102 31.37 2.45 13.52
CA GLU A 102 32.64 3.11 13.78
C GLU A 102 33.77 2.28 13.24
N LEU A 103 33.66 0.97 13.37
CA LEU A 103 34.66 0.12 12.68
C LEU A 103 34.66 0.33 11.14
N VAL A 104 33.51 0.31 10.49
CA VAL A 104 33.50 0.57 9.04
C VAL A 104 34.16 1.92 8.75
N ASP A 105 33.91 2.99 9.56
CA ASP A 105 34.54 4.31 9.26
C ASP A 105 36.02 4.23 9.45
N ARG A 106 36.43 3.58 10.53
CA ARG A 106 37.86 3.38 10.74
C ARG A 106 38.62 2.60 9.62
N VAL A 107 38.21 1.40 9.24
CA VAL A 107 38.82 0.73 8.12
C VAL A 107 38.80 1.57 6.86
N SER A 108 37.73 2.29 6.58
CA SER A 108 37.68 3.07 5.32
C SER A 108 38.72 4.19 5.24
N LEU A 109 39.14 4.73 6.36
CA LEU A 109 40.18 5.74 6.44
C LEU A 109 41.57 5.21 6.13
N ASP A 110 41.71 3.89 6.04
CA ASP A 110 42.99 3.30 5.65
C ASP A 110 43.14 2.79 4.20
N GLY A 111 43.56 3.70 3.34
CA GLY A 111 43.66 3.45 1.95
C GLY A 111 44.72 2.45 1.60
N LYS A 112 45.84 2.47 2.32
CA LYS A 112 46.94 1.47 2.17
C LYS A 112 46.54 0.06 2.64
N PHE A 113 45.98 -0.11 3.83
CA PHE A 113 45.36 -1.40 4.12
C PHE A 113 44.41 -1.90 3.01
N LEU A 114 43.50 -1.01 2.56
CA LEU A 114 42.52 -1.37 1.53
C LEU A 114 43.17 -1.71 0.21
N GLN A 115 44.05 -0.82 -0.26
CA GLN A 115 44.80 -1.01 -1.48
C GLN A 115 45.72 -2.25 -1.35
N GLU A 116 46.39 -2.46 -0.22
CA GLU A 116 47.25 -3.72 -0.05
C GLU A 116 46.43 -5.00 -0.12
N SER A 117 45.48 -5.10 0.80
CA SER A 117 44.56 -6.24 0.85
C SER A 117 43.95 -6.68 -0.46
N LEU A 118 43.42 -5.74 -1.25
CA LEU A 118 42.58 -6.04 -2.42
C LEU A 118 43.34 -6.14 -3.70
N SER A 119 44.54 -5.58 -3.78
CA SER A 119 45.25 -5.61 -5.07
C SER A 119 46.10 -6.91 -5.28
N ARG A 120 45.38 -8.04 -5.25
CA ARG A 120 45.90 -9.41 -5.08
C ARG A 120 45.55 -10.29 -6.28
N ASP A 125 39.58 -10.34 -10.48
CA ASP A 125 38.30 -9.68 -10.36
C ASP A 125 38.30 -8.33 -11.01
N GLU A 126 37.76 -8.27 -12.21
CA GLU A 126 37.75 -7.03 -12.94
C GLU A 126 36.98 -5.93 -12.16
N PHE A 127 35.82 -6.28 -11.57
CA PHE A 127 34.98 -5.40 -10.74
C PHE A 127 35.72 -4.70 -9.59
N THR A 128 36.27 -5.50 -8.68
CA THR A 128 37.01 -4.94 -7.56
C THR A 128 38.12 -4.01 -8.04
N SER A 129 38.74 -4.38 -9.15
CA SER A 129 39.92 -3.72 -9.55
C SER A 129 39.54 -2.39 -10.10
N ARG A 130 38.40 -2.36 -10.81
CA ARG A 130 37.74 -1.08 -11.18
C ARG A 130 37.35 -0.20 -9.96
N LEU A 131 36.96 -0.85 -8.88
CA LEU A 131 36.61 -0.07 -7.69
C LEU A 131 37.85 0.57 -7.05
N LEU A 132 38.93 -0.18 -7.01
CA LEU A 132 40.18 0.30 -6.47
C LEU A 132 40.80 1.49 -7.25
N ASP A 133 40.73 1.44 -8.58
CA ASP A 133 41.03 2.64 -9.41
C ASP A 133 40.46 3.91 -8.90
N ILE A 134 39.15 3.88 -8.66
CA ILE A 134 38.43 5.05 -8.25
C ILE A 134 38.95 5.46 -6.90
N HIS A 135 39.29 4.48 -6.02
CA HIS A 135 39.80 4.76 -4.68
C HIS A 135 41.20 5.46 -4.78
N SER A 136 42.06 4.94 -5.64
CA SER A 136 43.38 5.51 -5.93
C SER A 136 43.31 6.96 -6.39
N LYS A 137 42.53 7.19 -7.46
CA LYS A 137 42.20 8.52 -7.97
C LYS A 137 41.92 9.52 -6.84
N MET A 138 41.05 9.19 -5.88
CA MET A 138 40.79 10.06 -4.72
C MET A 138 42.04 10.25 -3.88
N LEU A 139 42.75 9.17 -3.62
CA LEU A 139 43.94 9.25 -2.79
C LEU A 139 44.96 10.28 -3.39
N GLN A 140 45.11 10.15 -4.72
CA GLN A 140 45.96 10.95 -5.62
C GLN A 140 45.66 12.47 -5.67
N ILE A 141 44.68 12.92 -4.88
CA ILE A 141 43.94 14.14 -5.17
C ILE A 141 43.45 14.65 -3.83
N ASN A 142 44.00 14.05 -2.78
CA ASN A 142 43.72 14.37 -1.39
C ASN A 142 42.28 14.87 -1.09
N LYS A 143 41.28 14.15 -1.57
CA LYS A 143 39.87 14.58 -1.40
C LYS A 143 39.11 14.14 -0.12
N ASP A 146 35.57 16.46 5.83
CA ASP A 146 34.58 15.41 5.40
C ASP A 146 33.39 15.25 6.33
N ILE A 147 32.26 15.18 5.65
CA ILE A 147 31.01 14.77 6.20
C ILE A 147 31.00 13.33 5.66
N ARG A 148 30.77 12.37 6.55
CA ARG A 148 30.79 10.98 6.15
C ARG A 148 29.54 10.47 6.67
N MET A 149 28.84 9.66 5.88
CA MET A 149 27.72 8.92 6.39
C MET A 149 27.64 7.47 5.92
N GLY A 150 26.86 6.68 6.65
CA GLY A 150 26.46 5.36 6.21
C GLY A 150 25.08 4.91 6.60
N ILE A 151 24.47 4.09 5.74
CA ILE A 151 23.30 3.27 6.05
C ILE A 151 23.68 1.84 5.69
N VAL A 152 23.99 1.05 6.71
CA VAL A 152 24.68 -0.22 6.47
C VAL A 152 23.87 -1.32 7.15
N ARG A 153 24.22 -2.58 6.90
CA ARG A 153 23.54 -3.68 7.48
C ARG A 153 24.43 -4.87 7.83
N SER A 154 24.31 -5.37 9.07
CA SER A 154 25.07 -6.54 9.55
C SER A 154 24.12 -7.74 9.72
N ASP A 155 24.41 -8.77 8.95
CA ASP A 155 23.61 -9.94 8.92
C ASP A 155 24.27 -10.96 9.82
N TYR A 156 23.41 -11.57 10.63
CA TYR A 156 23.72 -12.58 11.63
C TYR A 156 22.92 -13.85 11.45
N MET A 157 23.45 -14.92 12.00
CA MET A 157 22.71 -16.17 12.17
C MET A 157 23.12 -16.71 13.51
N ILE A 158 22.20 -17.43 14.14
CA ILE A 158 22.50 -18.19 15.36
C ILE A 158 23.15 -19.54 15.04
N ASP A 159 24.20 -19.89 15.73
CA ASP A 159 24.85 -21.13 15.35
C ASP A 159 24.64 -22.22 16.42
N GLU A 160 24.29 -23.42 15.94
CA GLU A 160 23.82 -24.48 16.84
C GLU A 160 24.93 -25.15 17.61
N LYS A 161 26.20 -24.88 17.30
CA LYS A 161 27.28 -25.59 18.03
C LYS A 161 27.63 -24.86 19.28
N THR A 162 28.13 -23.66 19.09
CA THR A 162 28.52 -22.70 20.11
C THR A 162 27.32 -22.03 20.74
N LYS A 163 26.16 -22.16 20.10
CA LYS A 163 24.93 -21.40 20.50
C LYS A 163 25.11 -19.88 20.39
N SER A 164 26.09 -19.47 19.59
CA SER A 164 26.44 -18.05 19.44
C SER A 164 25.74 -17.21 18.35
N LEU A 165 25.68 -15.91 18.54
CA LEU A 165 25.24 -15.03 17.46
C LEU A 165 26.47 -14.85 16.52
N LEU A 166 26.41 -15.22 15.23
CA LEU A 166 27.59 -15.06 14.36
C LEU A 166 27.34 -14.17 13.18
N GLN A 167 28.27 -13.28 12.86
CA GLN A 167 28.09 -12.40 11.72
C GLN A 167 28.31 -13.17 10.47
N ILE A 168 27.40 -12.99 9.53
N ILE A 168 27.40 -13.07 9.51
CA ILE A 168 27.38 -13.75 8.28
CA ILE A 168 27.63 -13.76 8.22
C ILE A 168 27.86 -12.83 7.13
C ILE A 168 28.05 -12.76 7.14
N GLU A 169 27.56 -11.52 7.22
CA GLU A 169 27.92 -10.51 6.22
C GLU A 169 27.84 -9.09 6.79
N MET A 170 28.66 -8.15 6.34
CA MET A 170 28.43 -6.71 6.67
C MET A 170 28.07 -6.00 5.38
N ASN A 171 26.88 -5.49 5.26
CA ASN A 171 26.58 -4.79 4.00
C ASN A 171 26.85 -3.28 4.14
N THR A 172 27.86 -2.79 3.42
CA THR A 172 28.24 -1.37 3.55
C THR A 172 27.63 -0.45 2.50
N ILE A 173 26.89 -1.01 1.58
CA ILE A 173 26.46 -0.28 0.39
C ILE A 173 25.12 -0.81 -0.07
N SER A 174 24.23 0.10 -0.45
CA SER A 174 22.93 -0.24 -0.99
C SER A 174 22.16 -1.36 -0.25
N THR A 175 21.94 -1.21 1.04
CA THR A 175 21.20 -2.21 1.76
C THR A 175 19.68 -2.07 1.59
N SER A 176 19.09 -3.11 1.02
CA SER A 176 17.66 -3.22 0.91
C SER A 176 16.96 -3.65 2.15
N PHE A 177 15.63 -3.51 2.08
CA PHE A 177 14.69 -4.09 3.03
C PHE A 177 14.56 -3.36 4.37
N ALA A 178 14.76 -2.02 4.36
CA ALA A 178 14.42 -1.14 5.53
C ALA A 178 12.86 -0.97 5.60
N LEU A 179 12.25 -0.73 4.45
CA LEU A 179 10.81 -0.77 4.50
C LEU A 179 10.22 -2.13 4.71
N ILE A 180 10.59 -3.05 3.85
CA ILE A 180 10.09 -4.38 3.92
C ILE A 180 10.18 -4.95 5.31
N GLY A 181 11.33 -4.86 5.92
CA GLY A 181 11.54 -5.48 7.21
C GLY A 181 10.56 -4.75 8.13
N CYS A 182 10.34 -3.47 7.97
CA CYS A 182 9.47 -2.91 8.99
C CYS A 182 7.91 -2.99 8.67
N LEU A 183 7.50 -3.27 7.45
CA LEU A 183 6.11 -3.69 7.19
C LEU A 183 5.90 -5.08 7.72
N MET A 184 6.95 -5.86 7.79
CA MET A 184 6.86 -7.23 8.23
C MET A 184 6.61 -7.25 9.74
N THR A 185 7.38 -6.44 10.47
CA THR A 185 7.16 -6.28 11.92
C THR A 185 5.67 -5.98 12.08
N GLY A 186 5.12 -5.18 11.18
CA GLY A 186 3.77 -4.70 11.36
C GLY A 186 2.78 -5.78 11.05
N LEU A 187 3.03 -6.50 9.96
CA LEU A 187 2.28 -7.67 9.55
C LEU A 187 2.17 -8.70 10.65
N HIS A 188 3.33 -9.11 11.17
CA HIS A 188 3.37 -10.17 12.16
C HIS A 188 2.72 -9.68 13.49
N LYS A 189 2.87 -8.40 13.79
CA LYS A 189 2.30 -7.87 15.00
C LYS A 189 0.80 -7.83 14.81
N SER A 190 0.32 -7.53 13.60
N SER A 190 0.30 -7.57 13.61
CA SER A 190 -1.12 -7.59 13.33
CA SER A 190 -1.17 -7.64 13.43
C SER A 190 -1.64 -9.04 13.53
C SER A 190 -1.68 -9.07 13.52
N LEU A 191 -0.97 -9.98 12.88
CA LEU A 191 -1.41 -11.34 12.84
C LEU A 191 -1.53 -11.83 14.26
N LEU A 192 -0.47 -11.58 15.04
CA LEU A 192 -0.44 -11.95 16.46
C LEU A 192 -1.45 -11.17 17.29
N SER A 193 -1.66 -9.90 17.00
CA SER A 193 -2.75 -9.27 17.73
C SER A 193 -4.06 -10.09 17.56
N GLN A 194 -4.24 -10.79 16.45
CA GLN A 194 -5.57 -11.30 16.12
C GLN A 194 -5.63 -12.72 16.60
N TYR A 195 -4.53 -13.40 16.33
CA TYR A 195 -4.39 -14.84 16.51
C TYR A 195 -3.45 -15.31 17.65
N GLY A 196 -2.78 -14.41 18.35
CA GLY A 196 -1.78 -14.74 19.41
C GLY A 196 -2.17 -15.78 20.46
N LYS A 197 -2.91 -15.41 21.51
CA LYS A 197 -3.40 -16.40 22.53
C LYS A 197 -4.08 -17.70 22.00
N PHE A 198 -4.64 -17.65 20.79
CA PHE A 198 -5.12 -18.83 20.02
C PHE A 198 -3.97 -19.74 19.58
N LEU A 199 -2.73 -19.25 19.74
CA LEU A 199 -1.52 -19.93 19.28
C LEU A 199 -0.47 -19.96 20.38
N GLY A 200 -0.66 -19.19 21.43
CA GLY A 200 0.33 -19.12 22.54
C GLY A 200 1.34 -17.99 22.50
N LEU A 201 1.10 -17.03 21.64
CA LEU A 201 2.11 -16.04 21.36
C LEU A 201 1.62 -14.64 21.55
N ASN A 202 2.52 -13.77 21.96
CA ASN A 202 2.23 -12.35 22.13
C ASN A 202 2.97 -11.45 21.12
N SER A 203 2.27 -10.52 20.45
CA SER A 203 2.98 -9.60 19.52
C SER A 203 4.19 -8.90 20.19
N ASN A 204 4.18 -8.85 21.52
CA ASN A 204 5.16 -8.11 22.32
C ASN A 204 6.52 -8.52 22.02
N ARG A 205 6.66 -9.74 21.55
CA ARG A 205 7.96 -10.36 21.45
C ARG A 205 8.43 -10.28 19.99
N VAL A 206 7.60 -9.70 19.13
CA VAL A 206 8.05 -9.24 17.80
C VAL A 206 8.58 -7.84 18.01
N PRO A 207 9.91 -7.65 17.85
CA PRO A 207 10.41 -6.35 18.34
C PRO A 207 9.99 -5.15 17.46
N ALA A 208 9.75 -3.99 18.08
CA ALA A 208 9.55 -2.75 17.38
C ALA A 208 10.63 -2.44 16.33
N ASN A 209 10.26 -1.78 15.25
CA ASN A 209 11.22 -1.57 14.16
C ASN A 209 10.92 -0.21 13.59
N ASN A 210 11.97 0.57 13.35
CA ASN A 210 11.90 1.86 12.70
C ASN A 210 12.83 2.04 11.51
N ALA A 211 13.27 0.95 10.87
CA ALA A 211 14.39 0.98 9.95
C ALA A 211 14.25 2.07 8.91
N VAL A 212 13.06 2.14 8.27
CA VAL A 212 12.87 3.02 7.15
C VAL A 212 12.85 4.51 7.65
N ASP A 213 12.18 4.82 8.79
CA ASP A 213 12.26 6.24 9.24
C ASP A 213 13.70 6.64 9.55
N GLN A 214 14.46 5.76 10.22
CA GLN A 214 15.83 6.06 10.53
C GLN A 214 16.59 6.28 9.33
N SER A 215 16.30 5.47 8.32
CA SER A 215 17.03 5.68 7.11
C SER A 215 16.90 7.08 6.45
N ALA A 216 15.65 7.53 6.27
CA ALA A 216 15.27 8.81 5.62
C ALA A 216 15.76 9.94 6.52
N GLU A 217 15.70 9.71 7.82
CA GLU A 217 16.23 10.72 8.78
C GLU A 217 17.76 10.88 8.67
N ALA A 218 18.49 9.82 8.33
CA ALA A 218 19.96 9.89 8.27
C ALA A 218 20.37 10.73 7.08
N LEU A 219 19.71 10.43 5.96
CA LEU A 219 19.71 11.19 4.74
C LEU A 219 19.37 12.63 4.90
N ALA A 220 18.38 12.94 5.71
CA ALA A 220 17.85 14.34 5.78
C ALA A 220 18.90 15.14 6.54
N LYS A 221 19.43 14.53 7.59
CA LYS A 221 20.53 15.07 8.43
C LYS A 221 21.76 15.28 7.65
N ALA A 222 22.10 14.40 6.72
CA ALA A 222 23.25 14.70 5.88
C ALA A 222 23.07 15.93 4.97
N TRP A 223 21.88 16.04 4.36
CA TRP A 223 21.47 17.12 3.46
C TRP A 223 21.53 18.45 4.23
N SER A 224 21.09 18.41 5.47
CA SER A 224 21.25 19.51 6.39
C SER A 224 22.68 19.87 6.68
N GLU A 225 23.49 18.87 7.00
CA GLU A 225 24.92 19.07 7.22
C GLU A 225 25.64 19.79 6.06
N TYR A 226 25.48 19.31 4.82
CA TYR A 226 25.87 20.06 3.61
C TYR A 226 25.37 21.52 3.58
N ASN A 227 24.24 21.74 4.23
CA ASN A 227 23.70 23.08 4.38
C ASN A 227 23.68 23.86 3.04
N ASN A 228 23.14 23.18 2.00
CA ASN A 228 22.57 23.80 0.77
C ASN A 228 21.04 23.53 0.66
N PRO A 229 20.23 24.56 0.99
CA PRO A 229 18.80 24.32 1.12
C PRO A 229 18.13 24.24 -0.28
N ARG A 230 18.96 24.43 -1.32
CA ARG A 230 18.49 24.31 -2.70
C ARG A 230 18.83 22.96 -3.29
N ALA A 231 19.57 22.13 -2.51
CA ALA A 231 20.10 20.88 -3.05
C ALA A 231 19.03 19.79 -3.01
N ALA A 232 19.03 18.91 -4.00
CA ALA A 232 18.21 17.71 -3.96
C ALA A 232 19.08 16.47 -3.44
N ILE A 233 18.45 15.30 -3.20
CA ILE A 233 19.13 14.01 -3.01
C ILE A 233 19.12 13.14 -4.30
N LEU A 234 20.26 12.62 -4.69
CA LEU A 234 20.30 11.72 -5.80
C LEU A 234 20.15 10.29 -5.29
N VAL A 235 19.20 9.55 -5.84
CA VAL A 235 19.20 8.17 -5.51
C VAL A 235 19.48 7.40 -6.80
N VAL A 236 20.63 6.74 -6.74
CA VAL A 236 21.15 5.88 -7.79
C VAL A 236 20.45 4.51 -7.74
N VAL A 237 19.76 4.14 -8.81
CA VAL A 237 18.93 2.93 -8.85
C VAL A 237 19.28 2.01 -10.09
N GLN A 238 18.70 0.82 -10.12
CA GLN A 238 18.99 -0.14 -11.18
C GLN A 238 18.02 0.09 -12.23
N VAL A 239 18.40 -0.32 -13.42
CA VAL A 239 17.54 -0.19 -14.54
C VAL A 239 16.23 -0.97 -14.31
N GLU A 240 16.38 -2.19 -13.78
CA GLU A 240 15.29 -3.08 -13.50
C GLU A 240 15.11 -3.07 -12.00
N GLU A 241 14.02 -2.43 -11.51
CA GLU A 241 13.76 -2.38 -10.04
C GLU A 241 12.33 -2.79 -9.58
N ARG A 242 12.16 -4.10 -9.40
N ARG A 242 12.16 -4.10 -9.38
CA ARG A 242 10.91 -4.62 -8.91
CA ARG A 242 10.91 -4.69 -8.87
C ARG A 242 10.66 -4.20 -7.47
C ARG A 242 10.69 -4.45 -7.37
N ASN A 243 11.75 -3.98 -6.73
CA ASN A 243 11.63 -3.42 -5.38
C ASN A 243 11.62 -1.87 -5.39
N MET A 244 11.16 -1.23 -6.46
CA MET A 244 11.22 0.23 -6.49
C MET A 244 10.38 0.86 -5.36
N TYR A 245 9.40 0.15 -4.84
CA TYR A 245 8.48 0.86 -3.93
C TYR A 245 9.15 1.17 -2.56
N GLU A 246 10.11 0.35 -2.13
CA GLU A 246 10.87 0.71 -0.95
C GLU A 246 11.49 2.09 -1.10
N GLN A 247 12.18 2.29 -2.24
CA GLN A 247 12.80 3.56 -2.61
C GLN A 247 11.84 4.72 -2.68
N HIS A 248 10.75 4.58 -3.41
CA HIS A 248 9.77 5.67 -3.48
C HIS A 248 9.29 6.07 -2.07
N TYR A 249 9.32 5.14 -1.11
CA TYR A 249 8.67 5.32 0.16
C TYR A 249 9.64 6.23 0.97
N ILE A 250 10.93 5.91 0.88
CA ILE A 250 11.98 6.67 1.53
C ILE A 250 11.94 8.10 0.96
N SER A 251 11.79 8.23 -0.35
CA SER A 251 11.64 9.51 -1.07
C SER A 251 10.40 10.30 -0.66
N ALA A 252 9.27 9.58 -0.44
CA ALA A 252 7.99 10.14 0.07
C ALA A 252 8.22 10.74 1.47
N LEU A 253 8.90 9.96 2.33
CA LEU A 253 9.29 10.42 3.66
C LEU A 253 10.21 11.59 3.60
N LEU A 254 11.15 11.58 2.68
CA LEU A 254 12.03 12.72 2.57
C LEU A 254 11.25 13.95 2.20
N ARG A 255 10.30 13.79 1.26
CA ARG A 255 9.54 14.95 0.62
C ARG A 255 8.42 15.51 1.51
N GLU A 256 7.64 14.60 2.07
CA GLU A 256 6.57 15.02 2.90
C GLU A 256 6.99 15.32 4.34
N LYS A 257 7.91 14.55 4.90
CA LYS A 257 8.28 14.74 6.28
C LYS A 257 9.42 15.66 6.40
N HIS A 258 10.42 15.52 5.53
CA HIS A 258 11.65 16.30 5.70
C HIS A 258 11.76 17.47 4.78
N HIS A 259 10.77 17.67 3.93
CA HIS A 259 10.81 18.72 2.92
C HIS A 259 12.04 18.74 2.02
N ILE A 260 12.49 17.59 1.53
CA ILE A 260 13.68 17.57 0.71
C ILE A 260 13.32 16.88 -0.62
N ARG A 261 13.70 17.45 -1.76
CA ARG A 261 13.49 16.77 -3.00
C ARG A 261 14.56 15.67 -3.21
N SER A 262 14.16 14.61 -3.89
CA SER A 262 15.11 13.58 -4.27
C SER A 262 14.87 13.27 -5.74
N ILE A 263 15.85 12.72 -6.41
CA ILE A 263 15.60 12.37 -7.82
C ILE A 263 16.21 11.05 -8.09
N ARG A 264 15.59 10.26 -8.96
CA ARG A 264 16.13 8.90 -9.09
C ARG A 264 16.69 8.85 -10.45
N LYS A 265 17.90 8.33 -10.59
CA LYS A 265 18.59 8.21 -11.88
C LYS A 265 19.42 6.89 -11.90
N THR A 266 19.49 6.20 -13.07
CA THR A 266 20.43 5.08 -13.26
C THR A 266 21.86 5.56 -13.54
N LEU A 267 22.88 4.72 -13.37
CA LEU A 267 24.22 5.23 -13.60
C LEU A 267 24.42 5.74 -15.03
N THR A 268 23.79 5.09 -15.98
CA THR A 268 24.05 5.56 -17.27
C THR A 268 23.36 6.88 -17.50
N GLU A 269 22.27 7.17 -16.83
CA GLU A 269 21.66 8.52 -16.87
C GLU A 269 22.54 9.62 -16.23
N ILE A 270 23.30 9.25 -15.19
CA ILE A 270 24.17 10.18 -14.50
C ILE A 270 25.41 10.49 -15.40
N ASP A 271 25.77 9.55 -16.28
CA ASP A 271 26.88 9.79 -17.19
C ASP A 271 26.50 10.77 -18.28
N GLN A 272 25.26 10.65 -18.79
CA GLN A 272 24.66 11.57 -19.81
C GLN A 272 24.24 12.90 -19.20
N GLU A 273 23.87 12.87 -17.94
CA GLU A 273 23.18 14.02 -17.42
C GLU A 273 24.11 14.76 -16.55
N GLY A 274 24.89 14.04 -15.77
CA GLY A 274 25.58 14.68 -14.67
C GLY A 274 26.78 15.51 -15.06
N LYS A 275 26.90 16.67 -14.41
CA LYS A 275 28.01 17.59 -14.64
C LYS A 275 28.61 17.97 -13.32
N ILE A 276 29.92 18.23 -13.26
CA ILE A 276 30.45 18.93 -12.07
C ILE A 276 30.72 20.36 -12.52
N LEU A 277 30.29 21.30 -11.70
CA LEU A 277 30.49 22.70 -11.99
C LEU A 277 31.97 23.15 -11.67
N PRO A 278 32.33 24.38 -12.04
CA PRO A 278 33.75 24.64 -11.77
C PRO A 278 34.14 24.68 -10.27
N ASP A 279 33.18 24.86 -9.36
CA ASP A 279 33.43 24.79 -7.89
C ASP A 279 33.19 23.41 -7.22
N GLY A 280 32.97 22.36 -8.02
CA GLY A 280 32.80 20.95 -7.51
C GLY A 280 31.44 20.53 -6.93
N THR A 281 30.39 21.21 -7.36
CA THR A 281 29.06 20.86 -6.94
C THR A 281 28.50 19.88 -7.98
N LEU A 282 27.76 18.86 -7.52
CA LEU A 282 27.21 17.88 -8.46
C LEU A 282 25.90 18.48 -8.99
N SER A 283 25.64 18.36 -10.28
CA SER A 283 24.41 18.97 -10.79
C SER A 283 23.75 17.89 -11.55
N VAL A 284 22.66 17.33 -11.04
CA VAL A 284 22.00 16.32 -11.89
C VAL A 284 20.60 16.81 -12.18
N ASP A 285 20.17 16.55 -13.40
CA ASP A 285 18.94 17.12 -13.98
C ASP A 285 18.58 18.49 -13.38
N GLY A 286 19.45 19.43 -13.74
CA GLY A 286 19.26 20.81 -13.38
C GLY A 286 19.23 21.25 -11.93
N GLN A 287 19.68 20.40 -11.02
CA GLN A 287 19.75 20.76 -9.60
C GLN A 287 21.06 20.36 -8.83
N ALA A 288 21.47 21.16 -7.84
CA ALA A 288 22.55 20.79 -6.92
C ALA A 288 22.24 19.47 -6.16
N ILE A 289 23.21 18.60 -6.08
CA ILE A 289 23.06 17.31 -5.36
C ILE A 289 23.99 17.40 -4.17
N SER A 290 23.41 17.33 -2.99
CA SER A 290 24.20 17.46 -1.82
C SER A 290 24.56 16.05 -1.27
N VAL A 291 23.58 15.14 -1.34
CA VAL A 291 23.69 13.72 -0.92
C VAL A 291 23.46 12.75 -2.10
N VAL A 292 24.34 11.78 -2.21
CA VAL A 292 24.16 10.67 -3.26
C VAL A 292 23.86 9.37 -2.49
N TYR A 293 22.68 8.78 -2.72
CA TYR A 293 22.23 7.64 -1.96
C TYR A 293 22.29 6.48 -2.94
N PHE A 294 23.26 5.59 -2.77
CA PHE A 294 23.29 4.40 -3.62
C PHE A 294 22.32 3.32 -3.27
N ARG A 295 21.47 2.98 -4.23
CA ARG A 295 20.67 1.80 -4.17
C ARG A 295 21.00 0.96 -5.47
N ALA A 296 22.23 1.18 -5.99
CA ALA A 296 22.80 0.52 -7.19
C ALA A 296 24.34 0.60 -7.12
N GLY A 297 25.04 -0.05 -8.07
CA GLY A 297 26.51 0.04 -8.18
C GLY A 297 27.34 -0.99 -7.40
N TYR A 298 26.65 -1.84 -6.65
CA TYR A 298 27.23 -2.92 -5.88
C TYR A 298 27.40 -4.22 -6.71
N THR A 299 26.81 -4.26 -7.87
CA THR A 299 26.95 -5.43 -8.71
C THR A 299 27.67 -5.07 -9.98
N PRO A 300 28.52 -6.02 -10.44
CA PRO A 300 29.01 -5.73 -11.75
C PRO A 300 27.95 -5.60 -12.85
N LYS A 301 26.74 -6.10 -12.66
CA LYS A 301 25.75 -6.02 -13.76
C LYS A 301 25.17 -4.64 -13.88
N ASP A 302 25.58 -3.75 -12.97
CA ASP A 302 25.12 -2.37 -12.97
C ASP A 302 25.97 -1.43 -13.84
N TYR A 303 27.12 -1.96 -14.26
CA TYR A 303 28.05 -1.23 -15.09
C TYR A 303 28.25 -1.89 -16.44
N PRO A 304 27.15 -2.00 -17.28
CA PRO A 304 27.32 -2.66 -18.58
C PRO A 304 28.43 -2.11 -19.45
N SER A 305 28.82 -0.87 -19.22
CA SER A 305 29.77 -0.22 -20.11
C SER A 305 30.50 0.88 -19.37
N GLU A 306 31.41 1.54 -20.07
CA GLU A 306 32.23 2.61 -19.52
C GLU A 306 31.47 3.84 -19.04
N SER A 307 30.27 4.06 -19.57
CA SER A 307 29.40 5.14 -19.10
C SER A 307 29.12 5.14 -17.56
N GLU A 308 29.05 3.94 -16.99
CA GLU A 308 28.60 3.76 -15.64
C GLU A 308 29.82 3.88 -14.73
N TRP A 309 30.97 3.51 -15.24
CA TRP A 309 32.17 3.74 -14.47
C TRP A 309 32.53 5.23 -14.43
N ARG A 310 32.22 5.92 -15.52
CA ARG A 310 32.42 7.37 -15.58
C ARG A 310 31.63 8.08 -14.50
N ALA A 311 30.45 7.54 -14.25
CA ALA A 311 29.38 8.19 -13.52
C ALA A 311 29.78 7.98 -12.11
N ARG A 312 30.14 6.74 -11.77
CA ARG A 312 30.64 6.50 -10.41
C ARG A 312 31.81 7.41 -10.03
N LEU A 313 32.77 7.50 -10.98
CA LEU A 313 33.92 8.46 -10.81
C LEU A 313 33.46 9.86 -10.64
N LEU A 314 32.71 10.39 -11.64
CA LEU A 314 32.22 11.77 -11.60
C LEU A 314 31.64 12.08 -10.26
N MET A 315 30.61 11.35 -9.86
CA MET A 315 30.01 11.46 -8.53
C MET A 315 30.99 11.43 -7.29
N GLU A 316 31.90 10.46 -7.24
CA GLU A 316 32.91 10.37 -6.17
C GLU A 316 33.79 11.63 -6.03
N GLN A 317 34.27 12.20 -7.16
CA GLN A 317 35.11 13.46 -7.17
C GLN A 317 34.42 14.72 -6.60
N SER A 318 33.11 14.75 -6.81
N SER A 318 33.09 14.67 -6.52
CA SER A 318 32.25 15.89 -6.56
CA SER A 318 32.23 15.80 -6.20
C SER A 318 32.25 16.09 -5.09
C SER A 318 32.10 16.03 -4.70
N SER A 319 31.68 17.20 -4.62
N SER A 319 31.83 17.27 -4.32
CA SER A 319 31.80 17.48 -3.20
CA SER A 319 31.72 17.58 -2.91
C SER A 319 30.62 16.88 -2.49
C SER A 319 30.34 17.13 -2.47
N ALA A 320 29.70 16.29 -3.28
CA ALA A 320 28.52 15.56 -2.79
C ALA A 320 28.97 14.59 -1.71
N ILE A 321 28.21 14.49 -0.65
CA ILE A 321 28.38 13.44 0.36
C ILE A 321 27.84 12.14 -0.24
N LYS A 322 28.68 11.11 -0.35
CA LYS A 322 28.24 9.82 -0.89
C LYS A 322 27.73 8.91 0.21
N CYS A 323 26.57 8.30 -0.01
CA CYS A 323 26.04 7.24 0.87
C CYS A 323 26.11 5.81 0.20
N PRO A 324 27.28 5.16 0.29
CA PRO A 324 28.47 5.65 0.99
C PRO A 324 29.68 5.97 0.06
N THR A 325 30.82 6.31 0.66
CA THR A 325 32.00 6.59 -0.19
C THR A 325 32.60 5.31 -0.78
N ILE A 326 33.45 5.44 -1.79
CA ILE A 326 34.14 4.30 -2.36
C ILE A 326 34.92 3.53 -1.29
N SER A 327 35.55 4.20 -0.31
CA SER A 327 36.29 3.46 0.78
C SER A 327 35.35 2.56 1.50
N TYR A 328 34.15 3.08 1.86
CA TYR A 328 33.10 2.28 2.54
C TYR A 328 32.68 1.10 1.76
N HIS A 329 32.53 1.28 0.46
CA HIS A 329 32.14 0.20 -0.47
C HIS A 329 33.19 -0.90 -0.38
N LEU A 330 34.47 -0.51 -0.31
CA LEU A 330 35.59 -1.50 -0.26
C LEU A 330 35.69 -2.29 1.04
N VAL A 331 35.37 -1.62 2.14
CA VAL A 331 35.36 -2.30 3.42
C VAL A 331 34.43 -3.51 3.42
N GLY A 332 33.38 -3.39 2.63
CA GLY A 332 32.36 -4.34 2.54
C GLY A 332 32.65 -5.49 1.60
N THR A 333 33.80 -5.55 0.94
CA THR A 333 34.01 -6.56 -0.02
C THR A 333 34.31 -7.85 0.78
N LYS A 334 34.06 -9.01 0.15
CA LYS A 334 34.38 -10.32 0.74
C LYS A 334 35.80 -10.29 1.26
N LYS A 335 36.76 -9.86 0.42
CA LYS A 335 38.18 -9.85 0.76
C LYS A 335 38.51 -9.01 2.01
N ILE A 336 37.91 -7.84 2.13
CA ILE A 336 38.25 -7.01 3.29
C ILE A 336 37.71 -7.69 4.53
N GLN A 337 36.51 -8.27 4.47
CA GLN A 337 35.82 -8.83 5.64
C GLN A 337 36.54 -10.04 6.18
N GLN A 338 37.14 -10.82 5.27
CA GLN A 338 38.02 -11.96 5.65
C GLN A 338 39.30 -11.53 6.31
N GLU A 339 39.91 -10.55 5.72
CA GLU A 339 41.09 -9.99 6.26
C GLU A 339 40.79 -9.45 7.67
N LEU A 340 39.70 -8.67 7.84
CA LEU A 340 39.32 -8.19 9.17
C LEU A 340 39.19 -9.33 10.20
N ALA A 341 38.83 -10.54 9.75
CA ALA A 341 38.49 -11.55 10.71
C ALA A 341 39.71 -12.38 11.15
N LYS A 342 40.78 -12.26 10.41
CA LYS A 342 42.00 -12.92 10.80
C LYS A 342 42.49 -12.50 12.15
N PRO A 343 43.31 -13.37 12.81
CA PRO A 343 43.91 -13.06 14.12
C PRO A 343 44.72 -11.76 14.07
N GLY A 344 44.36 -10.84 14.98
CA GLY A 344 45.04 -9.55 15.22
C GLY A 344 44.72 -8.36 14.31
N VAL A 345 43.96 -8.58 13.24
CA VAL A 345 43.77 -7.55 12.22
C VAL A 345 42.73 -6.55 12.66
N LEU A 346 41.54 -7.03 12.98
CA LEU A 346 40.45 -6.27 13.62
C LEU A 346 40.92 -5.27 14.69
N GLU A 347 41.72 -5.75 15.61
CA GLU A 347 42.20 -5.02 16.75
C GLU A 347 43.09 -3.80 16.35
N ARG A 348 43.54 -3.73 15.11
CA ARG A 348 44.22 -2.54 14.54
C ARG A 348 43.28 -1.30 14.34
N PHE A 349 41.97 -1.55 14.30
CA PHE A 349 41.00 -0.50 13.91
C PHE A 349 40.04 -0.19 15.01
N VAL A 350 40.34 -0.76 16.16
CA VAL A 350 39.46 -0.64 17.33
C VAL A 350 40.33 -0.43 18.56
N GLU A 351 40.14 0.69 19.27
CA GLU A 351 40.94 0.85 20.44
C GLU A 351 40.16 0.37 21.67
N ASN A 352 38.84 0.52 21.69
CA ASN A 352 38.04 0.09 22.83
C ASN A 352 38.04 -1.41 23.08
N LYS A 353 38.53 -1.83 24.25
CA LYS A 353 38.61 -3.21 24.61
C LYS A 353 37.24 -3.90 24.83
N ASP A 354 36.27 -3.16 25.36
CA ASP A 354 34.94 -3.75 25.44
C ASP A 354 34.40 -4.07 24.01
N HIS A 355 34.74 -3.20 23.05
CA HIS A 355 34.27 -3.34 21.66
C HIS A 355 34.97 -4.43 20.92
N ILE A 356 36.29 -4.37 20.96
CA ILE A 356 37.12 -5.50 20.61
C ILE A 356 36.47 -6.87 21.06
N ALA A 357 36.12 -6.98 22.36
CA ALA A 357 35.52 -8.18 22.91
C ALA A 357 34.19 -8.49 22.22
N LYS A 358 33.37 -7.45 22.06
CA LYS A 358 32.04 -7.63 21.48
C LYS A 358 32.14 -8.14 20.02
N LEU A 359 33.06 -7.57 19.25
CA LEU A 359 33.17 -7.85 17.83
C LEU A 359 33.58 -9.30 17.64
N ARG A 360 34.67 -9.67 18.33
CA ARG A 360 35.28 -10.96 18.20
C ARG A 360 34.32 -12.05 18.64
N ALA A 361 33.35 -11.69 19.46
CA ALA A 361 32.38 -12.69 19.91
C ALA A 361 31.36 -13.07 18.81
N CYS A 362 31.11 -12.17 17.84
CA CYS A 362 30.23 -12.51 16.75
C CYS A 362 30.99 -12.91 15.48
N PHE A 363 32.32 -12.88 15.54
CA PHE A 363 33.09 -13.21 14.36
C PHE A 363 33.41 -14.69 14.34
N ALA A 364 32.94 -15.34 13.27
CA ALA A 364 33.33 -16.70 12.95
C ALA A 364 34.82 -16.68 12.73
N GLY A 365 35.54 -17.61 13.31
CA GLY A 365 37.04 -17.66 13.14
C GLY A 365 37.44 -17.85 11.66
N LEU A 366 38.50 -17.19 11.24
CA LEU A 366 38.96 -17.37 9.89
C LEU A 366 40.51 -17.23 9.95
N TRP A 367 41.19 -18.01 9.11
CA TRP A 367 42.70 -18.21 9.11
C TRP A 367 43.24 -18.60 7.75
N SER A 368 44.58 -18.47 7.62
CA SER A 368 45.39 -18.68 6.43
C SER A 368 46.31 -20.01 6.25
N LEU A 369 47.67 -19.87 6.36
CA LEU A 369 48.63 -20.98 6.81
C LEU A 369 49.19 -20.91 8.30
N GLU A 370 48.30 -20.79 9.28
CA GLU A 370 48.62 -21.17 10.67
C GLU A 370 48.66 -22.65 10.93
N ASP A 371 49.85 -23.18 11.14
CA ASP A 371 50.03 -24.59 11.51
C ASP A 371 49.10 -25.02 12.68
N SER A 372 48.92 -24.20 13.71
CA SER A 372 48.12 -24.62 14.88
C SER A 372 46.58 -24.89 14.75
N ASP A 373 45.83 -24.10 13.96
CA ASP A 373 44.41 -24.38 13.77
C ASP A 373 44.28 -25.29 12.60
N ILE A 374 45.27 -25.20 11.73
CA ILE A 374 45.11 -25.19 10.26
C ILE A 374 46.22 -25.97 9.66
N VAL A 375 46.92 -26.62 10.55
CA VAL A 375 47.16 -27.99 10.35
C VAL A 375 46.00 -28.39 11.33
N LYS A 376 46.47 -28.69 12.52
CA LYS A 376 45.74 -29.69 13.32
C LYS A 376 44.48 -29.50 14.14
N LYS A 377 44.12 -28.38 14.65
CA LYS A 377 42.76 -28.33 15.12
C LYS A 377 41.78 -28.89 14.05
N ALA A 378 42.06 -28.63 12.79
CA ALA A 378 41.01 -28.90 11.80
C ALA A 378 41.07 -30.32 11.24
N ILE A 379 42.29 -30.80 11.04
CA ILE A 379 42.58 -32.23 10.84
C ILE A 379 41.89 -33.11 11.88
N GLU A 380 42.05 -32.83 13.18
CA GLU A 380 41.27 -33.57 14.19
C GLU A 380 40.01 -32.76 14.26
N ASN A 381 38.84 -33.36 14.23
CA ASN A 381 37.64 -32.46 14.14
C ASN A 381 37.39 -31.63 12.85
N PRO A 382 37.42 -32.24 11.63
CA PRO A 382 37.13 -31.49 10.39
C PRO A 382 35.70 -31.02 10.26
N GLU A 383 34.84 -31.57 11.11
CA GLU A 383 33.52 -31.06 11.60
C GLU A 383 33.05 -29.61 11.49
N LEU A 384 33.81 -28.67 12.04
CA LEU A 384 33.60 -27.20 11.75
C LEU A 384 34.17 -26.90 10.43
N PHE A 385 35.44 -26.73 10.50
CA PHE A 385 36.03 -26.05 9.49
C PHE A 385 35.31 -26.29 8.12
N VAL A 386 35.36 -25.21 7.33
CA VAL A 386 35.17 -25.25 5.90
C VAL A 386 36.36 -24.48 5.30
N MET A 387 36.93 -25.03 4.25
CA MET A 387 37.82 -24.26 3.44
C MET A 387 37.04 -23.62 2.29
N LYS A 388 37.17 -22.29 2.14
CA LYS A 388 36.55 -21.52 1.04
C LYS A 388 37.63 -20.78 0.25
N PRO A 389 37.41 -20.50 -1.07
CA PRO A 389 38.12 -19.46 -1.88
C PRO A 389 38.19 -18.09 -1.27
N GLN A 390 39.36 -17.44 -1.31
CA GLN A 390 39.54 -16.14 -0.64
C GLN A 390 38.76 -15.04 -1.33
N ASN A 396 35.16 -25.14 -5.04
CA ASN A 396 34.07 -25.63 -4.19
C ASN A 396 34.45 -25.36 -2.71
N ASN A 397 33.48 -25.26 -1.81
CA ASN A 397 33.81 -25.26 -0.39
C ASN A 397 34.30 -26.67 -0.04
N ILE A 398 35.17 -26.78 0.92
CA ILE A 398 35.57 -28.14 1.32
C ILE A 398 35.18 -28.35 2.79
N TYR A 399 34.51 -29.48 3.05
CA TYR A 399 34.01 -29.87 4.35
C TYR A 399 34.56 -31.24 4.78
N GLY A 400 34.48 -31.48 6.10
CA GLY A 400 34.36 -32.86 6.62
C GLY A 400 35.51 -33.70 6.21
N ASP A 401 35.29 -34.82 5.54
CA ASP A 401 36.43 -35.73 5.38
C ASP A 401 37.43 -35.18 4.35
N GLU A 402 36.91 -34.55 3.31
CA GLU A 402 37.73 -33.94 2.26
C GLU A 402 38.59 -32.82 2.83
N LEU A 403 38.16 -32.18 3.90
CA LEU A 403 38.97 -31.18 4.57
C LEU A 403 40.37 -31.65 5.17
N ARG A 404 40.60 -32.90 5.58
CA ARG A 404 41.93 -33.57 5.04
C ARG A 404 42.66 -33.20 3.58
N GLU A 405 42.21 -32.11 2.93
CA GLU A 405 43.05 -31.32 2.09
C GLU A 405 44.20 -31.03 3.00
N THR A 406 43.82 -30.86 4.27
CA THR A 406 44.72 -30.26 5.23
C THR A 406 45.94 -31.22 5.48
N LEU A 407 45.66 -32.52 5.47
CA LEU A 407 46.66 -33.57 5.71
C LEU A 407 47.77 -33.58 4.67
N LEU A 408 47.49 -32.96 3.53
CA LEU A 408 48.37 -32.85 2.38
C LEU A 408 49.16 -31.56 2.32
N LYS A 409 48.60 -30.47 2.83
CA LYS A 409 49.47 -29.31 3.00
C LYS A 409 50.26 -29.38 4.29
N ALA A 419 38.79 -25.69 -5.76
CA ALA A 419 39.73 -24.86 -5.03
C ALA A 419 39.19 -24.18 -3.69
N ALA A 420 40.08 -23.97 -2.69
CA ALA A 420 39.67 -23.36 -1.41
C ALA A 420 40.79 -22.82 -0.49
N TYR A 421 40.97 -21.53 -0.65
CA TYR A 421 42.11 -20.80 -0.17
C TYR A 421 42.26 -20.40 1.33
N ILE A 422 41.16 -20.14 2.05
CA ILE A 422 41.24 -19.91 3.49
C ILE A 422 40.47 -20.95 4.33
N LEU A 423 40.73 -20.90 5.63
CA LEU A 423 40.12 -21.80 6.56
C LEU A 423 39.19 -21.00 7.50
N MET A 424 37.96 -21.41 7.72
CA MET A 424 37.16 -20.70 8.67
C MET A 424 36.32 -21.63 9.47
N GLN A 425 35.69 -21.10 10.51
CA GLN A 425 34.82 -21.91 11.42
C GLN A 425 33.47 -22.22 10.82
N ARG A 426 33.01 -23.48 10.92
CA ARG A 426 31.74 -23.85 10.35
C ARG A 426 30.67 -23.37 11.28
N ILE A 427 29.65 -22.82 10.69
CA ILE A 427 28.38 -22.40 11.28
C ILE A 427 27.32 -23.48 10.89
N PHE A 428 26.63 -23.96 11.94
CA PHE A 428 25.49 -24.82 11.85
C PHE A 428 24.18 -24.13 12.17
N PRO A 429 23.37 -23.86 11.18
CA PRO A 429 22.23 -22.99 11.42
C PRO A 429 21.03 -23.69 12.09
N ALA A 430 20.25 -22.89 12.83
CA ALA A 430 18.93 -23.24 13.40
C ALA A 430 17.81 -23.49 12.37
N THR A 431 17.39 -24.74 12.09
CA THR A 431 16.20 -24.90 11.19
C THR A 431 14.98 -24.90 12.08
N SER A 432 13.87 -24.40 11.56
CA SER A 432 12.62 -24.26 12.30
C SER A 432 11.47 -24.42 11.29
N PRO A 433 10.31 -25.00 11.71
CA PRO A 433 9.15 -25.16 10.84
C PRO A 433 8.46 -23.81 10.54
N ALA A 434 8.10 -23.56 9.27
CA ALA A 434 7.52 -22.26 8.85
C ALA A 434 6.41 -22.47 7.88
N ILE A 435 5.51 -21.50 7.80
CA ILE A 435 4.56 -21.33 6.64
C ILE A 435 4.96 -20.17 5.73
N LEU A 436 5.03 -20.47 4.45
CA LEU A 436 5.69 -19.70 3.44
C LEU A 436 4.59 -19.37 2.48
N VAL A 437 4.41 -18.08 2.18
CA VAL A 437 3.28 -17.60 1.42
C VAL A 437 3.90 -16.96 0.16
N ARG A 438 3.51 -17.43 -1.01
CA ARG A 438 4.14 -16.94 -2.18
C ARG A 438 3.16 -16.92 -3.34
N ASP A 439 3.07 -15.78 -4.01
CA ASP A 439 2.03 -15.52 -5.04
C ASP A 439 0.67 -16.06 -4.58
N GLY A 440 0.25 -15.69 -3.39
CA GLY A 440 -1.05 -16.00 -2.88
C GLY A 440 -1.32 -17.39 -2.36
N ASN A 441 -0.28 -18.25 -2.35
CA ASN A 441 -0.41 -19.67 -2.01
C ASN A 441 0.61 -20.02 -0.91
N TRP A 442 0.20 -20.83 0.04
CA TRP A 442 1.11 -21.19 1.09
C TRP A 442 1.51 -22.63 0.96
N ASP A 443 2.50 -23.00 1.75
CA ASP A 443 3.06 -24.32 1.71
C ASP A 443 3.91 -24.35 2.97
N THR A 444 4.33 -25.54 3.41
CA THR A 444 5.08 -25.63 4.63
C THR A 444 6.51 -25.95 4.26
N GLY A 445 7.45 -25.58 5.13
CA GLY A 445 8.84 -25.93 4.88
C GLY A 445 9.53 -25.74 6.21
N HIS A 446 10.77 -26.22 6.27
CA HIS A 446 11.72 -25.99 7.37
C HIS A 446 12.85 -25.08 6.88
N VAL A 447 13.03 -23.97 7.58
CA VAL A 447 13.74 -22.79 7.04
C VAL A 447 14.88 -22.39 7.95
N ILE A 448 15.87 -21.67 7.43
CA ILE A 448 16.84 -21.01 8.36
C ILE A 448 16.69 -19.51 8.21
N SER A 449 16.95 -18.76 9.27
CA SER A 449 16.75 -17.32 9.23
C SER A 449 18.01 -16.50 9.39
N GLU A 450 18.16 -15.44 8.60
CA GLU A 450 19.29 -14.53 8.74
C GLU A 450 18.81 -13.15 9.12
N ALA A 451 19.21 -12.64 10.29
CA ALA A 451 18.68 -11.37 10.82
C ALA A 451 19.65 -10.28 10.52
N GLY A 452 19.21 -9.22 9.84
CA GLY A 452 20.12 -8.11 9.56
C GLY A 452 19.75 -6.83 10.31
N ILE A 453 20.75 -6.22 10.98
CA ILE A 453 20.58 -5.05 11.88
C ILE A 453 21.17 -3.90 11.09
N PHE A 454 20.34 -2.86 10.82
CA PHE A 454 20.77 -1.62 10.23
C PHE A 454 21.45 -0.70 11.18
N GLY A 455 22.42 0.03 10.66
CA GLY A 455 22.96 1.10 11.43
C GLY A 455 22.88 2.27 10.55
N THR A 456 22.75 3.44 11.16
CA THR A 456 23.04 4.65 10.50
C THR A 456 24.13 5.46 11.16
N TYR A 457 24.90 6.11 10.30
CA TYR A 457 25.98 6.88 10.82
C TYR A 457 26.24 8.12 10.03
N LEU A 458 26.49 9.17 10.76
CA LEU A 458 26.72 10.44 10.12
C LEU A 458 27.71 11.22 10.98
N ARG A 459 28.78 11.71 10.38
CA ARG A 459 29.64 12.61 11.12
C ARG A 459 30.11 13.73 10.22
N ASN A 460 30.46 14.84 10.83
CA ASN A 460 31.20 15.92 10.20
C ASN A 460 32.50 16.06 10.99
N LYS A 461 33.64 15.91 10.31
CA LYS A 461 34.98 15.84 10.94
C LYS A 461 34.97 16.00 12.46
N ASP A 462 34.69 14.90 13.14
CA ASP A 462 34.91 14.69 14.62
C ASP A 462 33.69 14.97 15.45
N LYS A 463 32.64 15.52 14.84
CA LYS A 463 31.39 15.52 15.54
C LYS A 463 30.66 14.33 14.98
N ILE A 464 30.19 13.47 15.88
CA ILE A 464 29.41 12.34 15.48
C ILE A 464 27.97 12.77 15.66
N ILE A 465 27.27 12.87 14.55
CA ILE A 465 25.92 13.38 14.55
C ILE A 465 24.99 12.20 14.72
N ILE A 466 25.21 11.16 13.88
CA ILE A 466 24.49 9.91 14.10
C ILE A 466 25.45 8.73 14.28
N ASN A 467 25.22 7.91 15.31
CA ASN A 467 25.75 6.54 15.25
C ASN A 467 24.76 5.62 15.84
N ASN A 468 23.95 4.90 15.03
CA ASN A 468 22.72 4.28 15.58
C ASN A 468 22.50 2.86 15.14
N GLU A 469 21.95 2.09 16.05
CA GLU A 469 21.18 0.91 15.75
C GLU A 469 19.89 1.44 15.12
N SER A 470 19.56 0.96 13.92
CA SER A 470 18.41 1.58 13.23
C SER A 470 17.41 0.58 12.67
N GLY A 471 17.00 -0.40 13.47
CA GLY A 471 16.06 -1.47 13.01
C GLY A 471 16.65 -2.68 12.26
N TYR A 472 15.79 -3.49 11.66
CA TYR A 472 16.19 -4.81 11.24
C TYR A 472 15.33 -5.27 10.07
N MET A 473 15.76 -6.34 9.43
CA MET A 473 14.86 -7.17 8.60
C MET A 473 15.28 -8.60 8.80
N VAL A 474 14.51 -9.56 8.27
CA VAL A 474 14.93 -10.93 8.36
C VAL A 474 14.57 -11.55 6.99
N ARG A 475 15.49 -12.36 6.50
CA ARG A 475 15.36 -13.18 5.27
C ARG A 475 15.44 -14.59 5.76
N THR A 476 14.46 -15.36 5.38
CA THR A 476 14.27 -16.71 5.83
C THR A 476 14.27 -17.55 4.57
N LYS A 477 15.03 -18.63 4.56
CA LYS A 477 15.08 -19.44 3.37
C LYS A 477 15.06 -20.94 3.66
N ILE A 478 14.66 -21.72 2.64
CA ILE A 478 14.54 -23.20 2.76
C ILE A 478 15.87 -23.99 2.97
N SER A 479 15.76 -25.09 3.71
CA SER A 479 16.85 -26.05 3.93
C SER A 479 17.75 -25.50 5.00
N PHE A 490 14.63 -16.72 -4.08
CA PHE A 490 15.60 -16.56 -3.00
C PHE A 490 14.90 -16.31 -1.62
N GLY A 491 13.84 -17.10 -1.40
CA GLY A 491 13.21 -17.24 -0.13
C GLY A 491 12.22 -16.15 0.14
N VAL A 492 12.02 -15.93 1.43
CA VAL A 492 10.97 -15.05 1.94
C VAL A 492 11.50 -14.02 2.95
N VAL A 493 10.66 -12.99 3.24
CA VAL A 493 11.00 -12.07 4.36
C VAL A 493 10.28 -12.49 5.65
N ASP A 494 10.76 -12.01 6.77
CA ASP A 494 10.23 -12.50 8.01
C ASP A 494 10.47 -11.47 9.08
N THR A 495 10.21 -11.84 10.35
CA THR A 495 10.68 -11.11 11.58
C THR A 495 11.28 -12.09 12.57
N VAL A 496 11.35 -11.77 13.87
CA VAL A 496 11.82 -12.76 14.87
C VAL A 496 10.85 -12.76 16.01
N TYR A 497 10.78 -13.85 16.75
CA TYR A 497 9.89 -13.85 17.89
C TYR A 497 10.80 -14.06 19.08
N LEU A 498 11.00 -12.98 19.78
CA LEU A 498 12.01 -12.96 20.80
C LEU A 498 11.69 -13.98 21.87
N THR A 499 12.85 -14.57 22.22
CA THR A 499 13.06 -15.78 23.06
C THR A 499 11.83 -16.63 22.95
N ASP B 30 -6.33 22.74 -19.28
CA ASP B 30 -5.94 22.23 -20.59
C ASP B 30 -4.62 21.46 -20.51
N TYR B 31 -4.70 20.31 -19.91
CA TYR B 31 -3.59 19.43 -19.75
C TYR B 31 -3.13 18.73 -21.04
N HIS B 32 -3.89 18.76 -22.12
CA HIS B 32 -3.32 18.20 -23.37
C HIS B 32 -2.20 19.10 -23.88
N ARG B 33 -2.18 20.36 -23.41
CA ARG B 33 -1.25 21.38 -23.83
C ARG B 33 0.07 21.34 -23.06
N ILE B 34 0.30 20.27 -22.29
CA ILE B 34 1.46 20.14 -21.42
C ILE B 34 2.53 19.25 -22.05
N ASP B 35 3.77 19.67 -21.86
CA ASP B 35 4.83 19.02 -22.59
C ASP B 35 4.79 17.53 -22.22
N GLN B 36 4.83 16.72 -23.28
CA GLN B 36 4.63 15.27 -23.21
C GLN B 36 5.60 14.52 -22.29
N LYS B 37 6.83 15.01 -22.21
CA LYS B 37 7.81 14.34 -21.38
C LYS B 37 7.57 14.77 -19.94
N LEU B 38 7.12 15.99 -19.71
CA LEU B 38 6.65 16.41 -18.37
C LEU B 38 5.44 15.58 -17.96
N LEU B 39 4.43 15.48 -18.84
CA LEU B 39 3.35 14.51 -18.59
C LEU B 39 3.77 13.10 -18.15
N GLN B 40 4.76 12.54 -18.81
CA GLN B 40 5.22 11.25 -18.47
C GLN B 40 5.76 11.30 -17.01
N ASN B 41 6.46 12.37 -16.60
CA ASN B 41 6.96 12.55 -15.16
C ASN B 41 5.84 12.54 -14.09
N ILE B 42 4.77 13.31 -14.32
CA ILE B 42 3.52 13.25 -13.51
C ILE B 42 2.89 11.89 -13.44
N VAL B 43 2.62 11.26 -14.59
CA VAL B 43 2.10 9.86 -14.64
C VAL B 43 3.02 8.99 -13.89
N TYR B 44 4.33 9.12 -14.05
CA TYR B 44 5.21 8.17 -13.31
C TYR B 44 4.97 8.39 -11.76
N ASP B 45 4.74 9.65 -11.35
CA ASP B 45 4.63 9.96 -9.92
C ASP B 45 3.31 9.43 -9.40
N ALA B 46 2.28 9.45 -10.28
CA ALA B 46 0.91 9.07 -9.92
C ALA B 46 0.80 7.57 -9.69
N LEU B 47 1.39 6.83 -10.61
CA LEU B 47 1.59 5.39 -10.52
C LEU B 47 2.28 5.00 -9.26
N VAL B 48 3.42 5.61 -9.00
CA VAL B 48 4.13 5.43 -7.72
C VAL B 48 3.26 5.72 -6.43
N TRP B 49 2.62 6.87 -6.35
CA TRP B 49 1.71 7.22 -5.25
C TRP B 49 0.56 6.19 -5.10
N SER B 50 -0.11 5.89 -6.23
CA SER B 50 -1.15 4.86 -6.28
C SER B 50 -0.70 3.53 -5.61
N THR B 51 0.55 3.18 -5.87
CA THR B 51 1.04 1.91 -5.36
C THR B 51 1.34 2.00 -3.87
N LEU B 52 1.86 3.14 -3.43
CA LEU B 52 2.23 3.31 -2.08
C LEU B 52 1.06 3.46 -1.18
N ASN B 53 -0.01 4.09 -1.68
CA ASN B 53 -1.15 4.35 -0.89
C ASN B 53 -2.40 3.45 -1.15
N CYS B 54 -2.22 2.29 -1.82
CA CYS B 54 -3.25 1.26 -2.07
C CYS B 54 -4.43 1.83 -2.87
N LEU B 55 -4.13 2.59 -3.87
CA LEU B 55 -5.19 2.93 -4.87
C LEU B 55 -5.12 1.83 -5.91
N LEU B 56 -5.46 0.61 -5.49
CA LEU B 56 -5.26 -0.60 -6.30
C LEU B 56 -6.51 -1.44 -6.33
N VAL B 57 -6.74 -2.13 -7.47
CA VAL B 57 -7.73 -3.18 -7.58
C VAL B 57 -7.13 -4.43 -8.19
N GLY B 58 -7.77 -5.60 -8.02
CA GLY B 58 -7.57 -6.76 -8.90
C GLY B 58 -7.56 -6.44 -10.39
N ASP B 59 -6.52 -6.91 -11.09
CA ASP B 59 -6.48 -6.71 -12.50
C ASP B 59 -7.48 -7.74 -13.00
N LYS B 60 -8.57 -7.27 -13.66
CA LYS B 60 -9.46 -8.05 -14.57
C LYS B 60 -8.78 -9.16 -15.47
N SER B 61 -7.69 -8.80 -16.14
CA SER B 61 -6.77 -9.74 -16.76
C SER B 61 -6.24 -10.92 -15.92
N VAL B 62 -6.16 -10.79 -14.59
CA VAL B 62 -5.68 -11.88 -13.72
C VAL B 62 -6.87 -12.57 -12.93
N GLN B 63 -7.30 -13.74 -13.41
CA GLN B 63 -8.50 -14.50 -12.94
C GLN B 63 -8.67 -14.82 -11.41
N ARG B 64 -7.57 -14.98 -10.65
CA ARG B 64 -7.61 -15.19 -9.17
C ARG B 64 -7.84 -13.84 -8.45
N SER B 65 -7.60 -12.75 -9.15
CA SER B 65 -7.46 -11.45 -8.50
C SER B 65 -8.74 -10.90 -7.81
N GLY B 66 -9.86 -11.56 -7.90
CA GLY B 66 -11.07 -11.04 -7.31
C GLY B 66 -11.50 -11.86 -6.11
N ARG B 67 -10.62 -12.84 -5.75
CA ARG B 67 -10.83 -13.81 -4.70
C ARG B 67 -9.57 -13.91 -3.84
N VAL B 68 -8.40 -14.02 -4.48
CA VAL B 68 -7.13 -14.03 -3.78
C VAL B 68 -6.54 -12.57 -3.55
N PRO B 69 -6.39 -12.19 -2.27
CA PRO B 69 -5.83 -10.83 -2.01
C PRO B 69 -4.33 -10.81 -2.32
N GLY B 70 -3.76 -9.66 -2.68
CA GLY B 70 -2.31 -9.58 -2.74
C GLY B 70 -1.71 -10.18 -4.04
N VAL B 71 -2.54 -10.54 -5.00
CA VAL B 71 -2.03 -11.05 -6.32
C VAL B 71 -2.71 -10.32 -7.44
N GLY B 72 -1.97 -10.03 -8.50
CA GLY B 72 -2.62 -9.49 -9.70
C GLY B 72 -3.14 -8.08 -9.53
N LEU B 73 -2.41 -7.26 -8.82
CA LEU B 73 -2.78 -5.85 -8.58
C LEU B 73 -2.36 -4.90 -9.65
N VAL B 74 -3.22 -3.89 -9.78
CA VAL B 74 -3.04 -2.86 -10.73
C VAL B 74 -3.65 -1.62 -10.11
N HIS B 75 -3.13 -0.44 -10.47
CA HIS B 75 -3.68 0.82 -10.02
C HIS B 75 -5.06 0.98 -10.58
N LEU B 76 -5.93 1.70 -9.89
CA LEU B 76 -7.19 2.20 -10.48
C LEU B 76 -6.94 3.01 -11.75
N PRO B 77 -7.82 2.82 -12.79
CA PRO B 77 -7.83 3.84 -13.86
C PRO B 77 -8.16 5.20 -13.30
N LEU B 78 -7.33 6.19 -13.67
CA LEU B 78 -7.44 7.46 -13.00
C LEU B 78 -7.39 8.60 -14.08
N SER B 79 -8.00 9.74 -13.77
CA SER B 79 -7.60 10.95 -14.39
C SER B 79 -6.39 11.54 -13.63
N LEU B 80 -5.36 11.91 -14.40
CA LEU B 80 -4.12 12.38 -13.81
C LEU B 80 -4.30 13.57 -12.97
N LEU B 81 -5.16 14.50 -13.41
CA LEU B 81 -5.29 15.79 -12.78
C LEU B 81 -6.77 16.29 -12.94
N PRO B 82 -7.31 16.94 -11.89
CA PRO B 82 -8.71 17.33 -11.70
C PRO B 82 -9.30 18.28 -12.80
N GLY B 83 -10.56 18.14 -13.16
CA GLY B 83 -11.25 19.16 -13.98
C GLY B 83 -11.72 20.29 -13.10
N PRO B 84 -12.14 21.45 -13.68
CA PRO B 84 -12.58 22.53 -12.77
C PRO B 84 -14.06 22.28 -12.35
N PHE B 85 -14.43 22.76 -11.17
CA PHE B 85 -15.80 22.63 -10.72
C PHE B 85 -16.14 23.88 -9.99
N PRO B 86 -17.25 24.54 -10.35
CA PRO B 86 -17.46 25.78 -9.52
C PRO B 86 -17.63 25.48 -8.02
N GLU B 87 -17.14 26.36 -7.20
CA GLU B 87 -17.14 26.13 -5.80
C GLU B 87 -18.53 26.31 -5.21
N SER B 88 -19.28 27.28 -5.74
CA SER B 88 -20.62 27.58 -5.33
C SER B 88 -21.50 26.30 -5.47
N HIS B 89 -21.37 25.58 -6.59
CA HIS B 89 -22.09 24.33 -6.89
C HIS B 89 -21.62 23.14 -6.05
N TRP B 90 -20.32 23.10 -5.77
CA TRP B 90 -19.82 22.15 -4.78
C TRP B 90 -20.54 22.29 -3.44
N LYS B 91 -20.44 23.45 -2.79
CA LYS B 91 -21.17 23.73 -1.59
C LYS B 91 -22.67 23.40 -1.68
N GLN B 92 -23.27 23.64 -2.84
CA GLN B 92 -24.63 23.29 -3.09
C GLN B 92 -24.85 21.79 -2.94
N GLY B 93 -24.03 20.99 -3.61
CA GLY B 93 -24.10 19.49 -3.51
C GLY B 93 -23.84 19.03 -2.06
N CYS B 94 -23.04 19.77 -1.32
CA CYS B 94 -22.69 19.32 0.05
C CYS B 94 -23.89 19.58 1.02
N GLU B 95 -24.54 20.70 0.78
CA GLU B 95 -25.66 21.09 1.64
C GLU B 95 -26.85 20.16 1.48
N LEU B 96 -26.94 19.61 0.29
CA LEU B 96 -28.01 18.72 -0.13
C LEU B 96 -27.95 17.29 0.50
N ALA B 97 -26.75 16.90 0.97
CA ALA B 97 -26.59 15.51 1.49
C ALA B 97 -27.45 15.21 2.73
N PRO B 98 -27.39 16.05 3.82
CA PRO B 98 -28.32 15.68 4.82
C PRO B 98 -29.73 15.71 4.32
N ILE B 99 -30.03 16.60 3.42
CA ILE B 99 -31.44 16.77 2.99
C ILE B 99 -31.89 15.51 2.20
N PHE B 100 -31.01 14.96 1.33
CA PHE B 100 -31.40 13.67 0.73
C PHE B 100 -31.40 12.52 1.72
N ASN B 101 -30.58 12.62 2.79
CA ASN B 101 -30.51 11.58 3.82
C ASN B 101 -31.83 11.43 4.52
N GLU B 102 -32.30 12.56 5.03
CA GLU B 102 -33.69 12.71 5.56
C GLU B 102 -34.86 12.33 4.64
N LEU B 103 -34.76 12.64 3.35
CA LEU B 103 -35.78 12.23 2.31
C LEU B 103 -35.74 10.76 1.96
N VAL B 104 -34.54 10.18 1.88
CA VAL B 104 -34.53 8.76 1.60
C VAL B 104 -35.30 8.14 2.76
N ASP B 105 -35.10 8.59 3.99
CA ASP B 105 -35.58 7.85 5.14
C ASP B 105 -37.10 7.90 5.13
N ARG B 106 -37.65 9.11 5.00
CA ARG B 106 -39.05 9.37 4.87
C ARG B 106 -39.68 8.57 3.77
N VAL B 107 -39.22 8.68 2.53
CA VAL B 107 -39.91 7.85 1.49
C VAL B 107 -40.00 6.39 1.97
N SER B 108 -38.87 5.93 2.63
CA SER B 108 -38.66 4.54 2.93
C SER B 108 -39.81 4.16 3.90
N LEU B 109 -40.19 5.07 4.77
CA LEU B 109 -41.28 4.87 5.76
C LEU B 109 -42.65 4.75 5.15
N ASP B 110 -42.79 5.17 3.89
CA ASP B 110 -44.09 5.03 3.16
C ASP B 110 -44.25 3.75 2.34
N GLY B 111 -44.57 2.64 2.99
CA GLY B 111 -44.61 1.35 2.36
C GLY B 111 -45.63 1.32 1.26
N LYS B 112 -46.68 2.12 1.37
CA LYS B 112 -47.82 2.08 0.44
C LYS B 112 -47.58 2.86 -0.85
N PHE B 113 -47.16 4.11 -0.71
CA PHE B 113 -46.43 4.73 -1.82
C PHE B 113 -45.48 3.77 -2.59
N LEU B 114 -44.45 3.25 -1.93
CA LEU B 114 -43.53 2.38 -2.61
C LEU B 114 -44.28 1.27 -3.30
N GLN B 115 -45.16 0.59 -2.57
CA GLN B 115 -46.02 -0.42 -3.17
C GLN B 115 -46.88 0.08 -4.38
N GLU B 116 -47.47 1.29 -4.29
CA GLU B 116 -48.25 1.91 -5.42
C GLU B 116 -47.42 2.04 -6.72
N SER B 117 -46.25 2.63 -6.54
CA SER B 117 -45.37 3.08 -7.60
C SER B 117 -44.62 1.94 -8.34
N LEU B 118 -44.47 0.78 -7.72
CA LEU B 118 -43.66 -0.28 -8.33
C LEU B 118 -44.41 -1.58 -8.69
N SER B 119 -45.68 -1.66 -8.34
CA SER B 119 -46.53 -2.61 -8.98
C SER B 119 -46.88 -1.94 -10.30
N ARG B 120 -46.45 -2.62 -11.37
CA ARG B 120 -46.60 -2.16 -12.76
C ARG B 120 -46.53 -3.35 -13.73
N ALA B 124 -43.38 -4.32 -15.13
CA ALA B 124 -42.36 -4.80 -14.14
C ALA B 124 -41.28 -5.71 -14.71
N ASP B 125 -40.11 -5.63 -14.08
CA ASP B 125 -38.97 -6.51 -14.24
C ASP B 125 -38.90 -7.37 -12.96
N GLU B 126 -38.43 -8.61 -13.08
CA GLU B 126 -38.55 -9.62 -12.01
C GLU B 126 -37.78 -9.28 -10.73
N PHE B 127 -36.65 -8.57 -10.88
CA PHE B 127 -35.78 -8.23 -9.77
C PHE B 127 -36.45 -7.18 -8.87
N THR B 128 -36.87 -6.09 -9.45
CA THR B 128 -37.61 -5.13 -8.70
C THR B 128 -38.75 -5.75 -7.94
N SER B 129 -39.37 -6.78 -8.49
CA SER B 129 -40.56 -7.23 -7.77
C SER B 129 -40.27 -8.32 -6.76
N ARG B 130 -39.06 -8.87 -6.81
CA ARG B 130 -38.54 -9.80 -5.82
C ARG B 130 -38.03 -8.93 -4.62
N LEU B 131 -37.95 -7.62 -4.85
CA LEU B 131 -37.60 -6.74 -3.77
C LEU B 131 -38.84 -6.22 -3.09
N LEU B 132 -39.90 -6.01 -3.89
CA LEU B 132 -41.23 -5.73 -3.38
C LEU B 132 -41.78 -6.85 -2.51
N ASP B 133 -41.63 -8.08 -2.97
N ASP B 133 -41.59 -8.10 -2.88
CA ASP B 133 -41.97 -9.26 -2.23
CA ASP B 133 -42.14 -9.18 -2.10
C ASP B 133 -41.53 -9.05 -0.81
C ASP B 133 -41.51 -9.30 -0.73
N ILE B 134 -40.20 -8.98 -0.65
CA ILE B 134 -39.48 -8.90 0.64
C ILE B 134 -39.95 -7.66 1.38
N HIS B 135 -40.12 -6.55 0.67
CA HIS B 135 -40.75 -5.38 1.27
C HIS B 135 -42.16 -5.74 1.86
N SER B 136 -43.04 -6.42 1.08
CA SER B 136 -44.41 -6.83 1.57
C SER B 136 -44.35 -7.75 2.77
N LYS B 137 -43.44 -8.70 2.74
CA LYS B 137 -43.29 -9.55 3.87
C LYS B 137 -42.97 -8.78 5.18
N MET B 138 -42.23 -7.68 5.09
CA MET B 138 -41.86 -6.84 6.23
C MET B 138 -43.07 -5.95 6.68
N LEU B 139 -43.75 -5.28 5.75
CA LEU B 139 -44.96 -4.49 6.05
C LEU B 139 -46.00 -5.36 6.68
N GLN B 140 -45.99 -6.61 6.23
CA GLN B 140 -46.92 -7.68 6.63
C GLN B 140 -46.81 -8.10 8.08
N ILE B 141 -45.61 -8.46 8.54
CA ILE B 141 -45.30 -8.66 9.96
C ILE B 141 -45.15 -7.34 10.71
N ASN B 142 -45.66 -6.29 10.11
CA ASN B 142 -45.45 -4.92 10.52
C ASN B 142 -44.10 -4.69 11.19
N LYS B 143 -43.06 -4.87 10.39
CA LYS B 143 -41.76 -5.02 10.96
C LYS B 143 -41.20 -3.70 11.53
N LYS B 144 -40.54 -3.79 12.68
CA LYS B 144 -40.01 -2.55 13.29
C LYS B 144 -38.49 -2.39 13.18
N GLU B 145 -38.05 -1.26 12.66
CA GLU B 145 -36.61 -0.96 12.53
C GLU B 145 -36.40 0.32 13.29
N ASP B 146 -36.13 0.25 14.58
CA ASP B 146 -36.00 1.44 15.42
C ASP B 146 -34.73 2.28 15.17
N ILE B 147 -33.62 1.58 14.94
CA ILE B 147 -32.34 2.09 14.52
C ILE B 147 -32.24 1.85 13.00
N ARG B 148 -32.22 2.94 12.24
CA ARG B 148 -32.09 2.92 10.79
C ARG B 148 -30.83 3.69 10.43
N MET B 149 -30.04 3.21 9.49
CA MET B 149 -28.91 3.97 8.97
C MET B 149 -28.78 3.88 7.45
N GLY B 150 -27.98 4.75 6.86
CA GLY B 150 -27.72 4.76 5.43
C GLY B 150 -26.27 5.16 5.23
N ILE B 151 -25.62 4.52 4.26
CA ILE B 151 -24.40 5.06 3.67
C ILE B 151 -24.76 5.15 2.19
N VAL B 152 -25.04 6.37 1.77
CA VAL B 152 -25.65 6.63 0.46
C VAL B 152 -24.80 7.63 -0.35
N ARG B 153 -25.18 7.88 -1.60
CA ARG B 153 -24.34 8.73 -2.51
C ARG B 153 -25.23 9.30 -3.61
N SER B 154 -25.28 10.61 -3.65
CA SER B 154 -26.03 11.39 -4.65
C SER B 154 -25.04 11.79 -5.77
N ASP B 155 -25.25 11.27 -6.99
CA ASP B 155 -24.39 11.52 -8.13
C ASP B 155 -24.91 12.65 -8.93
N TYR B 156 -24.03 13.58 -9.27
CA TYR B 156 -24.47 14.85 -9.89
C TYR B 156 -23.73 15.24 -11.17
N MET B 157 -24.36 16.09 -11.99
CA MET B 157 -23.70 16.75 -13.13
C MET B 157 -23.94 18.25 -13.18
N ILE B 158 -22.92 19.01 -13.66
CA ILE B 158 -23.16 20.42 -14.07
C ILE B 158 -23.49 20.33 -15.56
N ASP B 159 -24.55 21.00 -15.90
CA ASP B 159 -25.08 20.86 -17.22
C ASP B 159 -24.67 22.14 -17.85
N GLU B 160 -24.23 22.00 -19.16
CA GLU B 160 -23.69 23.22 -19.76
C GLU B 160 -24.66 24.23 -20.40
N LYS B 161 -25.95 24.05 -20.12
CA LYS B 161 -26.71 25.32 -19.99
C LYS B 161 -27.69 25.39 -18.81
N THR B 162 -28.01 26.65 -18.49
CA THR B 162 -28.51 27.15 -17.19
C THR B 162 -27.42 27.17 -16.11
N LYS B 163 -26.32 26.45 -16.35
CA LYS B 163 -25.25 26.29 -15.35
C LYS B 163 -25.81 25.82 -14.00
N SER B 164 -26.36 24.63 -14.00
CA SER B 164 -26.91 24.16 -12.75
C SER B 164 -26.46 22.75 -12.49
N LEU B 165 -26.24 22.49 -11.20
CA LEU B 165 -25.87 21.18 -10.68
C LEU B 165 -27.08 20.29 -10.68
N LEU B 166 -27.06 19.21 -11.43
CA LEU B 166 -28.24 18.33 -11.53
C LEU B 166 -28.02 16.88 -11.09
N GLN B 167 -28.97 16.31 -10.33
CA GLN B 167 -28.92 14.90 -9.97
C GLN B 167 -29.12 13.91 -11.13
N ILE B 168 -28.14 13.03 -11.30
CA ILE B 168 -28.12 11.93 -12.25
C ILE B 168 -28.67 10.59 -11.67
N GLU B 169 -28.62 10.42 -10.35
CA GLU B 169 -28.80 9.08 -9.77
C GLU B 169 -28.74 9.21 -8.25
N MET B 170 -29.48 8.36 -7.54
CA MET B 170 -29.40 8.36 -6.07
C MET B 170 -29.23 6.98 -5.68
N ASN B 171 -28.03 6.78 -5.13
CA ASN B 171 -27.58 5.50 -4.72
C ASN B 171 -27.76 5.30 -3.16
N THR B 172 -28.64 4.32 -2.84
CA THR B 172 -29.14 4.15 -1.49
C THR B 172 -28.49 2.95 -0.90
N ILE B 173 -27.79 2.18 -1.72
CA ILE B 173 -27.39 0.87 -1.25
C ILE B 173 -26.02 0.59 -1.84
N SER B 174 -25.11 0.10 -1.01
CA SER B 174 -23.84 -0.37 -1.47
C SER B 174 -23.00 0.60 -2.20
N THR B 175 -22.92 1.86 -1.77
CA THR B 175 -22.17 2.84 -2.50
C THR B 175 -20.63 2.67 -2.37
N SER B 176 -20.03 2.08 -3.40
CA SER B 176 -18.54 2.12 -3.77
C SER B 176 -17.77 3.48 -3.80
N PHE B 177 -16.49 3.41 -3.49
CA PHE B 177 -15.53 4.48 -3.77
C PHE B 177 -15.38 5.53 -2.73
N ALA B 178 -15.73 5.21 -1.47
CA ALA B 178 -15.30 6.08 -0.38
C ALA B 178 -13.81 6.03 -0.15
N LEU B 179 -13.17 4.85 -0.19
CA LEU B 179 -11.70 4.85 -0.05
C LEU B 179 -11.06 5.47 -1.28
N ILE B 180 -11.45 4.95 -2.42
CA ILE B 180 -10.95 5.38 -3.69
C ILE B 180 -11.16 6.84 -4.03
N GLY B 181 -12.32 7.37 -3.77
CA GLY B 181 -12.44 8.81 -3.78
C GLY B 181 -11.49 9.58 -2.87
N CYS B 182 -11.34 9.19 -1.61
CA CYS B 182 -10.52 9.97 -0.73
C CYS B 182 -9.00 9.69 -1.03
N LEU B 183 -8.68 8.54 -1.60
CA LEU B 183 -7.33 8.38 -2.14
C LEU B 183 -6.97 9.28 -3.33
N MET B 184 -7.89 9.36 -4.28
CA MET B 184 -7.80 10.31 -5.35
C MET B 184 -7.62 11.77 -4.93
N THR B 185 -8.30 12.16 -3.86
CA THR B 185 -7.98 13.46 -3.23
C THR B 185 -6.51 13.50 -2.79
N GLY B 186 -6.02 12.44 -2.14
CA GLY B 186 -4.60 12.48 -1.67
C GLY B 186 -3.67 12.63 -2.85
N LEU B 187 -3.81 11.72 -3.85
CA LEU B 187 -3.11 11.78 -5.14
C LEU B 187 -3.00 13.17 -5.76
N HIS B 188 -4.14 13.79 -5.96
CA HIS B 188 -4.15 15.02 -6.67
C HIS B 188 -3.54 16.16 -5.86
N LYS B 189 -3.81 16.15 -4.55
CA LYS B 189 -3.10 17.13 -3.69
C LYS B 189 -1.55 16.97 -3.82
N SER B 190 -1.12 15.75 -3.79
CA SER B 190 0.36 15.44 -3.85
C SER B 190 0.95 15.86 -5.18
N LEU B 191 0.34 15.46 -6.28
CA LEU B 191 0.75 15.95 -7.66
C LEU B 191 0.73 17.44 -7.71
N LEU B 192 -0.31 18.07 -7.18
CA LEU B 192 -0.35 19.55 -7.21
C LEU B 192 0.71 20.23 -6.34
N SER B 193 1.01 19.67 -5.16
CA SER B 193 2.18 20.17 -4.38
C SER B 193 3.49 20.16 -5.19
N GLN B 194 3.68 19.13 -6.03
N GLN B 194 3.66 19.14 -6.04
CA GLN B 194 4.86 19.01 -6.87
CA GLN B 194 4.86 18.96 -6.85
C GLN B 194 4.85 19.91 -8.09
C GLN B 194 4.88 19.79 -8.15
N TYR B 195 3.73 19.92 -8.80
CA TYR B 195 3.63 20.47 -10.16
C TYR B 195 2.73 21.66 -10.30
N GLY B 196 1.99 21.99 -9.25
CA GLY B 196 0.91 22.99 -9.37
C GLY B 196 1.40 24.37 -9.76
N LYS B 197 2.59 24.73 -9.24
CA LYS B 197 3.44 25.86 -9.65
C LYS B 197 3.49 26.20 -11.17
N PHE B 198 4.42 25.56 -11.89
CA PHE B 198 4.36 25.34 -13.33
C PHE B 198 2.94 25.45 -13.71
N LEU B 199 2.13 24.50 -13.26
CA LEU B 199 0.77 24.41 -13.74
C LEU B 199 -0.18 25.60 -13.45
N GLY B 200 0.04 26.39 -12.41
CA GLY B 200 -0.84 27.50 -12.02
C GLY B 200 -1.95 27.13 -11.06
N LEU B 201 -1.88 25.93 -10.52
CA LEU B 201 -2.96 25.30 -9.68
C LEU B 201 -2.47 25.10 -8.25
N ASN B 202 -3.33 25.33 -7.24
CA ASN B 202 -2.96 25.07 -5.84
C ASN B 202 -3.66 23.78 -5.36
N SER B 203 -2.90 22.88 -4.73
CA SER B 203 -3.47 21.69 -4.13
C SER B 203 -4.65 21.96 -3.22
N ASN B 204 -4.59 23.12 -2.52
CA ASN B 204 -5.61 23.84 -1.78
C ASN B 204 -7.02 23.62 -2.26
N ARG B 205 -7.15 23.58 -3.56
CA ARG B 205 -8.44 23.84 -4.28
C ARG B 205 -9.05 22.54 -4.62
N VAL B 206 -8.31 21.47 -4.32
CA VAL B 206 -8.99 20.17 -4.32
C VAL B 206 -9.60 19.97 -2.94
N PRO B 207 -10.95 19.79 -2.85
CA PRO B 207 -11.73 19.71 -1.61
C PRO B 207 -11.22 18.48 -0.72
N ALA B 208 -10.93 18.78 0.54
CA ALA B 208 -10.63 17.79 1.59
C ALA B 208 -11.71 16.70 1.63
N ASN B 209 -11.33 15.44 1.81
CA ASN B 209 -12.21 14.28 1.62
C ASN B 209 -11.92 13.26 2.72
N ASN B 210 -12.95 12.92 3.43
CA ASN B 210 -12.83 12.01 4.55
C ASN B 210 -13.77 10.87 4.32
N ALA B 211 -14.07 10.51 3.05
CA ALA B 211 -15.23 9.61 2.84
C ALA B 211 -15.12 8.30 3.67
N VAL B 212 -13.92 7.71 3.68
CA VAL B 212 -13.79 6.31 4.17
C VAL B 212 -13.88 6.33 5.67
N ASP B 213 -13.31 7.32 6.33
CA ASP B 213 -13.39 7.43 7.81
C ASP B 213 -14.85 7.64 8.33
N GLN B 214 -15.57 8.55 7.67
CA GLN B 214 -17.06 8.72 7.90
C GLN B 214 -17.88 7.50 7.63
N SER B 215 -17.51 6.72 6.60
N SER B 215 -17.54 6.67 6.63
CA SER B 215 -18.13 5.41 6.37
CA SER B 215 -18.22 5.38 6.51
C SER B 215 -17.94 4.50 7.60
C SER B 215 -17.97 4.49 7.70
N ALA B 216 -16.70 4.20 8.02
CA ALA B 216 -16.41 3.38 9.21
C ALA B 216 -17.04 3.94 10.45
N GLU B 217 -16.90 5.26 10.65
CA GLU B 217 -17.54 5.98 11.78
C GLU B 217 -19.03 5.66 11.88
N ALA B 218 -19.79 5.71 10.76
CA ALA B 218 -21.24 5.51 10.80
C ALA B 218 -21.47 4.08 11.26
N LEU B 219 -20.67 3.14 10.72
CA LEU B 219 -20.88 1.78 11.04
C LEU B 219 -20.54 1.56 12.51
N ALA B 220 -19.45 2.21 12.97
CA ALA B 220 -19.05 2.19 14.42
C ALA B 220 -20.12 2.63 15.36
N LYS B 221 -20.71 3.80 15.06
CA LYS B 221 -21.78 4.37 15.92
C LYS B 221 -23.02 3.47 15.90
N ALA B 222 -23.33 2.89 14.75
CA ALA B 222 -24.42 1.94 14.60
C ALA B 222 -24.26 0.75 15.50
N TRP B 223 -23.05 0.17 15.54
CA TRP B 223 -22.75 -1.03 16.38
C TRP B 223 -22.94 -0.62 17.81
N SER B 224 -22.45 0.56 18.12
CA SER B 224 -22.57 1.16 19.43
C SER B 224 -24.01 1.45 19.91
N GLU B 225 -24.92 1.90 19.05
CA GLU B 225 -26.34 2.03 19.43
C GLU B 225 -27.03 0.72 19.66
N TYR B 226 -26.61 -0.29 18.97
CA TYR B 226 -27.22 -1.55 19.06
C TYR B 226 -26.86 -2.16 20.40
N ASN B 227 -25.63 -1.88 20.85
CA ASN B 227 -25.24 -2.11 22.22
C ASN B 227 -24.95 -3.54 22.60
N ASN B 228 -24.54 -4.36 21.66
CA ASN B 228 -24.03 -5.67 21.94
C ASN B 228 -22.55 -5.66 21.65
N PRO B 229 -21.75 -5.55 22.74
CA PRO B 229 -20.31 -5.56 22.82
C PRO B 229 -19.66 -6.76 22.19
N ARG B 230 -20.36 -7.87 22.11
CA ARG B 230 -19.69 -9.03 21.52
C ARG B 230 -20.02 -9.27 20.06
N ALA B 231 -20.87 -8.38 19.49
CA ALA B 231 -21.36 -8.49 18.11
C ALA B 231 -20.35 -7.90 17.12
N ALA B 232 -20.35 -8.53 15.94
CA ALA B 232 -19.47 -8.21 14.81
C ALA B 232 -20.26 -7.44 13.74
N ILE B 233 -19.55 -6.82 12.81
CA ILE B 233 -20.20 -6.28 11.64
C ILE B 233 -20.06 -7.22 10.48
N LEU B 234 -21.19 -7.47 9.79
CA LEU B 234 -21.16 -8.38 8.63
C LEU B 234 -21.08 -7.62 7.30
N VAL B 235 -20.02 -7.73 6.49
CA VAL B 235 -20.06 -6.99 5.19
C VAL B 235 -20.41 -8.03 4.13
N VAL B 236 -21.48 -7.71 3.34
CA VAL B 236 -22.19 -8.57 2.48
C VAL B 236 -21.56 -8.23 1.17
N VAL B 237 -21.03 -9.25 0.53
CA VAL B 237 -19.96 -9.11 -0.43
C VAL B 237 -20.19 -10.02 -1.69
N GLN B 238 -19.68 -9.64 -2.87
CA GLN B 238 -19.97 -10.39 -4.11
C GLN B 238 -18.92 -11.51 -4.15
N VAL B 239 -19.22 -12.62 -4.82
CA VAL B 239 -18.25 -13.72 -4.96
C VAL B 239 -16.91 -13.26 -5.56
N GLU B 240 -17.03 -12.38 -6.53
CA GLU B 240 -15.87 -11.86 -7.22
C GLU B 240 -15.85 -10.39 -6.85
N GLU B 241 -14.74 -10.00 -6.20
CA GLU B 241 -14.57 -8.59 -5.82
C GLU B 241 -13.17 -8.07 -6.04
N ARG B 242 -12.94 -7.43 -7.19
N ARG B 242 -12.94 -7.41 -7.18
CA ARG B 242 -11.64 -6.82 -7.51
CA ARG B 242 -11.63 -6.82 -7.49
C ARG B 242 -11.39 -5.52 -6.69
C ARG B 242 -11.38 -5.47 -6.75
N ASN B 243 -12.47 -4.84 -6.32
CA ASN B 243 -12.43 -3.73 -5.33
C ASN B 243 -12.51 -4.22 -3.91
N MET B 244 -11.90 -5.35 -3.55
CA MET B 244 -12.02 -5.80 -2.18
C MET B 244 -11.30 -4.92 -1.20
N TYR B 245 -10.29 -4.20 -1.69
CA TYR B 245 -9.39 -3.37 -0.80
C TYR B 245 -10.12 -2.21 -0.15
N GLU B 246 -11.03 -1.63 -0.94
CA GLU B 246 -11.92 -0.71 -0.32
C GLU B 246 -12.55 -1.38 0.90
N GLN B 247 -13.05 -2.62 0.79
CA GLN B 247 -13.80 -3.22 1.92
C GLN B 247 -12.87 -3.60 3.05
N HIS B 248 -11.77 -4.25 2.73
CA HIS B 248 -10.80 -4.53 3.82
C HIS B 248 -10.33 -3.30 4.55
N TYR B 249 -10.28 -2.13 3.91
CA TYR B 249 -9.68 -0.96 4.51
C TYR B 249 -10.68 -0.48 5.51
N ILE B 250 -11.97 -0.59 5.12
CA ILE B 250 -13.00 -0.19 6.06
C ILE B 250 -13.00 -1.12 7.29
N SER B 251 -12.79 -2.42 7.09
CA SER B 251 -12.74 -3.32 8.20
C SER B 251 -11.53 -3.07 9.19
N ALA B 252 -10.41 -2.59 8.62
CA ALA B 252 -9.15 -2.22 9.31
C ALA B 252 -9.36 -0.97 10.17
N LEU B 253 -10.08 0.04 9.67
CA LEU B 253 -10.46 1.15 10.53
C LEU B 253 -11.36 0.68 11.61
N LEU B 254 -12.35 -0.16 11.29
CA LEU B 254 -13.27 -0.66 12.28
C LEU B 254 -12.48 -1.40 13.42
N ARG B 255 -11.58 -2.29 13.01
CA ARG B 255 -10.78 -3.10 13.90
C ARG B 255 -9.71 -2.29 14.61
N GLU B 256 -8.91 -1.52 13.91
CA GLU B 256 -7.84 -0.82 14.60
C GLU B 256 -8.36 0.41 15.27
N LYS B 257 -9.23 1.19 14.62
CA LYS B 257 -9.58 2.49 15.21
C LYS B 257 -10.68 2.38 16.26
N HIS B 258 -11.64 1.53 15.98
CA HIS B 258 -12.82 1.46 16.77
C HIS B 258 -12.81 0.19 17.56
N HIS B 259 -11.88 -0.72 17.32
CA HIS B 259 -11.96 -2.03 18.05
C HIS B 259 -13.27 -2.77 17.82
N ILE B 260 -13.69 -2.88 16.53
CA ILE B 260 -14.93 -3.62 16.17
C ILE B 260 -14.62 -4.69 15.13
N ARG B 261 -15.20 -5.83 15.29
CA ARG B 261 -14.82 -6.92 14.40
C ARG B 261 -15.79 -6.99 13.28
N SER B 262 -15.35 -7.59 12.18
CA SER B 262 -16.22 -7.76 11.01
C SER B 262 -15.86 -9.04 10.29
N ILE B 263 -16.86 -9.60 9.64
CA ILE B 263 -16.63 -10.71 8.80
C ILE B 263 -17.21 -10.40 7.43
N ARG B 264 -16.68 -11.05 6.38
CA ARG B 264 -17.27 -10.87 5.04
C ARG B 264 -17.86 -12.21 4.63
N LYS B 265 -18.99 -12.16 3.92
CA LYS B 265 -19.68 -13.38 3.47
C LYS B 265 -20.53 -13.08 2.25
N THR B 266 -20.74 -14.01 1.31
CA THR B 266 -21.59 -13.83 0.16
C THR B 266 -22.98 -14.18 0.62
N LEU B 267 -23.96 -13.74 -0.14
CA LEU B 267 -25.35 -14.03 0.22
C LEU B 267 -25.59 -15.49 0.37
N THR B 268 -25.05 -16.29 -0.56
CA THR B 268 -25.21 -17.70 -0.36
C THR B 268 -24.45 -18.21 0.91
N GLU B 269 -23.28 -17.67 1.29
CA GLU B 269 -22.73 -18.04 2.65
C GLU B 269 -23.65 -17.73 3.85
N ILE B 270 -24.54 -16.74 3.70
CA ILE B 270 -25.36 -16.24 4.81
C ILE B 270 -26.54 -17.26 4.95
N ASP B 271 -27.13 -17.58 3.79
CA ASP B 271 -28.15 -18.60 3.72
C ASP B 271 -27.67 -19.88 4.40
N GLN B 272 -26.42 -20.30 4.16
CA GLN B 272 -25.91 -21.59 4.63
C GLN B 272 -25.53 -21.52 6.06
N GLU B 273 -24.99 -20.39 6.47
CA GLU B 273 -24.32 -20.20 7.74
C GLU B 273 -25.03 -19.35 8.78
N GLY B 274 -26.17 -18.78 8.44
CA GLY B 274 -26.82 -17.83 9.36
C GLY B 274 -28.22 -18.30 9.75
N LYS B 275 -28.76 -17.61 10.73
CA LYS B 275 -29.99 -17.95 11.34
C LYS B 275 -30.36 -16.82 12.37
N ILE B 276 -31.62 -16.83 12.82
CA ILE B 276 -32.13 -15.91 13.76
C ILE B 276 -32.14 -16.62 15.10
N LEU B 277 -31.60 -15.96 16.14
CA LEU B 277 -31.55 -16.51 17.51
C LEU B 277 -32.91 -16.21 18.13
N PRO B 278 -33.25 -16.92 19.22
CA PRO B 278 -34.62 -16.86 19.79
C PRO B 278 -35.06 -15.40 20.14
N ASP B 279 -34.07 -14.57 20.47
CA ASP B 279 -34.33 -13.18 20.80
C ASP B 279 -34.24 -12.31 19.52
N GLY B 280 -33.93 -12.91 18.36
CA GLY B 280 -34.07 -12.14 17.14
C GLY B 280 -32.73 -11.71 16.60
N THR B 281 -31.67 -11.94 17.37
CA THR B 281 -30.34 -11.52 16.90
C THR B 281 -29.93 -12.31 15.65
N LEU B 282 -29.35 -11.65 14.65
CA LEU B 282 -28.75 -12.40 13.54
C LEU B 282 -27.48 -13.10 14.00
N SER B 283 -27.26 -14.35 13.61
CA SER B 283 -25.98 -15.07 13.88
C SER B 283 -25.48 -15.70 12.57
N VAL B 284 -24.31 -15.25 12.12
CA VAL B 284 -23.67 -15.84 10.97
C VAL B 284 -22.31 -16.48 11.29
N ASP B 285 -22.16 -17.69 10.79
CA ASP B 285 -20.97 -18.51 11.05
C ASP B 285 -20.67 -18.43 12.53
N GLY B 286 -21.71 -18.73 13.31
CA GLY B 286 -21.68 -18.74 14.79
C GLY B 286 -21.28 -17.46 15.53
N GLN B 287 -21.25 -16.31 14.82
CA GLN B 287 -20.96 -14.93 15.33
C GLN B 287 -22.25 -14.04 15.39
N ALA B 288 -22.45 -13.27 16.46
CA ALA B 288 -23.60 -12.45 16.57
C ALA B 288 -23.28 -11.25 15.72
N ILE B 289 -24.32 -10.72 15.05
CA ILE B 289 -24.12 -9.68 14.04
C ILE B 289 -25.05 -8.61 14.48
N SER B 290 -24.62 -7.37 14.57
CA SER B 290 -25.53 -6.29 15.01
C SER B 290 -25.83 -5.29 13.85
N VAL B 291 -24.85 -5.22 12.96
CA VAL B 291 -24.77 -4.40 11.74
C VAL B 291 -24.50 -5.28 10.42
N VAL B 292 -25.41 -5.20 9.47
CA VAL B 292 -25.29 -5.82 8.09
C VAL B 292 -25.01 -4.68 7.07
N TYR B 293 -23.81 -4.71 6.51
CA TYR B 293 -23.29 -3.63 5.64
C TYR B 293 -23.31 -4.16 4.18
N PHE B 294 -24.29 -3.71 3.41
CA PHE B 294 -24.36 -4.26 2.07
C PHE B 294 -23.23 -3.71 1.12
N ARG B 295 -22.45 -4.61 0.56
CA ARG B 295 -21.48 -4.28 -0.46
C ARG B 295 -21.84 -5.20 -1.70
N ALA B 296 -23.05 -5.76 -1.67
CA ALA B 296 -23.48 -6.67 -2.71
C ALA B 296 -24.92 -6.63 -2.56
N GLY B 297 -25.59 -7.16 -3.63
CA GLY B 297 -26.98 -7.51 -3.56
C GLY B 297 -27.84 -6.44 -4.15
N TYR B 298 -27.24 -5.55 -4.95
CA TYR B 298 -27.99 -4.47 -5.64
C TYR B 298 -28.24 -4.81 -7.15
N THR B 299 -27.73 -5.92 -7.62
CA THR B 299 -27.86 -6.34 -9.02
C THR B 299 -28.48 -7.74 -9.12
N PRO B 300 -29.37 -8.02 -10.12
CA PRO B 300 -29.86 -9.39 -10.22
C PRO B 300 -28.70 -10.37 -10.20
N LYS B 301 -27.52 -9.97 -10.69
CA LYS B 301 -26.44 -10.94 -10.85
C LYS B 301 -25.97 -11.47 -9.48
N ASP B 302 -26.35 -10.74 -8.38
CA ASP B 302 -26.00 -11.17 -7.02
C ASP B 302 -26.91 -12.26 -6.52
N TYR B 303 -28.01 -12.53 -7.26
CA TYR B 303 -29.02 -13.53 -6.90
C TYR B 303 -29.20 -14.57 -8.05
N PRO B 304 -28.24 -15.49 -8.24
CA PRO B 304 -28.37 -16.55 -9.24
C PRO B 304 -29.40 -17.63 -8.90
N SER B 305 -29.84 -17.64 -7.66
CA SER B 305 -30.70 -18.70 -7.16
C SER B 305 -31.50 -18.19 -5.97
N GLU B 306 -32.17 -19.15 -5.34
CA GLU B 306 -33.08 -18.94 -4.22
C GLU B 306 -32.34 -18.93 -2.90
N SER B 307 -31.14 -19.55 -2.86
CA SER B 307 -30.17 -19.30 -1.75
C SER B 307 -30.02 -17.79 -1.28
N GLU B 308 -29.61 -16.90 -2.19
CA GLU B 308 -29.39 -15.51 -1.92
C GLU B 308 -30.65 -14.65 -1.58
N TRP B 309 -31.79 -15.08 -2.12
CA TRP B 309 -33.09 -14.50 -1.81
C TRP B 309 -33.52 -14.89 -0.36
N ARG B 310 -33.26 -16.14 0.03
CA ARG B 310 -33.39 -16.56 1.43
C ARG B 310 -32.59 -15.70 2.43
N ALA B 311 -31.29 -15.64 2.15
CA ALA B 311 -30.32 -14.87 2.86
C ALA B 311 -30.75 -13.45 3.05
N ARG B 312 -31.21 -12.83 1.98
CA ARG B 312 -31.71 -11.45 2.00
C ARG B 312 -32.91 -11.27 2.87
N LEU B 313 -33.90 -12.17 2.76
CA LEU B 313 -35.13 -12.19 3.62
C LEU B 313 -34.76 -12.45 5.11
N LEU B 314 -33.87 -13.42 5.33
CA LEU B 314 -33.48 -13.82 6.67
C LEU B 314 -32.95 -12.61 7.40
N MET B 315 -31.99 -11.88 6.83
CA MET B 315 -31.37 -10.75 7.47
C MET B 315 -32.40 -9.65 7.65
N GLU B 316 -33.28 -9.51 6.68
CA GLU B 316 -34.31 -8.44 6.81
C GLU B 316 -35.18 -8.65 8.02
N GLN B 317 -35.72 -9.86 8.20
CA GLN B 317 -36.57 -10.21 9.35
C GLN B 317 -35.85 -10.11 10.69
N SER B 318 -34.53 -10.32 10.70
N SER B 318 -34.53 -10.23 10.67
CA SER B 318 -33.76 -10.30 11.94
CA SER B 318 -33.72 -10.27 11.88
C SER B 318 -33.82 -8.90 12.53
C SER B 318 -33.63 -8.90 12.55
N SER B 319 -33.26 -8.78 13.72
N SER B 319 -33.13 -8.91 13.79
CA SER B 319 -33.16 -7.46 14.35
CA SER B 319 -32.97 -7.67 14.58
C SER B 319 -31.83 -6.71 14.06
C SER B 319 -31.72 -6.85 14.26
N ALA B 320 -30.86 -7.33 13.36
CA ALA B 320 -29.65 -6.60 12.93
C ALA B 320 -30.05 -5.28 12.28
N ILE B 321 -29.26 -4.21 12.44
CA ILE B 321 -29.41 -2.90 11.77
C ILE B 321 -29.07 -3.21 10.31
N LYS B 322 -29.92 -3.03 9.29
CA LYS B 322 -29.43 -3.20 7.91
C LYS B 322 -28.81 -1.85 7.41
N CYS B 323 -27.64 -1.86 6.75
CA CYS B 323 -27.18 -0.69 5.97
C CYS B 323 -27.24 -0.87 4.39
N PRO B 324 -28.38 -0.57 3.70
CA PRO B 324 -29.65 -0.05 4.18
C PRO B 324 -30.77 -1.13 4.32
N THR B 325 -31.94 -0.78 4.83
CA THR B 325 -33.03 -1.77 4.83
C THR B 325 -33.52 -2.05 3.43
N ILE B 326 -34.51 -2.94 3.31
CA ILE B 326 -35.21 -3.16 1.99
C ILE B 326 -35.96 -1.95 1.54
N SER B 327 -36.51 -1.14 2.45
CA SER B 327 -37.22 0.10 1.99
C SER B 327 -36.33 1.11 1.25
N TYR B 328 -35.13 1.36 1.81
CA TYR B 328 -34.11 2.20 1.19
C TYR B 328 -33.68 1.61 -0.18
N HIS B 329 -33.32 0.32 -0.29
CA HIS B 329 -33.05 -0.24 -1.62
C HIS B 329 -34.17 0.39 -2.50
N LEU B 330 -35.42 0.31 -2.09
CA LEU B 330 -36.57 0.68 -2.98
C LEU B 330 -36.63 2.10 -3.39
N VAL B 331 -36.28 2.98 -2.47
CA VAL B 331 -36.30 4.42 -2.71
C VAL B 331 -35.27 4.76 -3.81
N GLY B 332 -34.25 3.92 -3.99
CA GLY B 332 -33.19 4.19 -4.95
C GLY B 332 -33.34 3.56 -6.35
N THR B 333 -34.26 2.58 -6.50
CA THR B 333 -34.57 1.94 -7.81
C THR B 333 -34.94 2.99 -8.88
N LYS B 334 -34.74 2.62 -10.16
CA LYS B 334 -35.15 3.46 -11.32
C LYS B 334 -36.56 4.06 -11.17
N LYS B 335 -37.58 3.18 -11.11
CA LYS B 335 -39.03 3.52 -11.08
C LYS B 335 -39.47 4.57 -10.05
N ILE B 336 -39.01 4.39 -8.78
CA ILE B 336 -39.22 5.30 -7.63
C ILE B 336 -38.45 6.60 -7.72
N GLN B 337 -37.12 6.48 -7.93
CA GLN B 337 -36.28 7.58 -8.29
C GLN B 337 -36.92 8.57 -9.34
N GLN B 338 -37.49 8.03 -10.44
CA GLN B 338 -38.36 8.86 -11.32
C GLN B 338 -39.56 9.47 -10.60
N GLU B 339 -40.33 8.60 -9.87
CA GLU B 339 -41.64 9.05 -9.30
C GLU B 339 -41.61 10.30 -8.39
N LEU B 340 -40.64 10.38 -7.49
CA LEU B 340 -40.49 11.54 -6.59
C LEU B 340 -40.26 12.86 -7.34
N ALA B 341 -39.68 12.68 -8.54
CA ALA B 341 -39.14 13.76 -9.34
C ALA B 341 -40.25 14.55 -10.07
N LYS B 342 -41.26 13.81 -10.55
CA LYS B 342 -42.49 14.39 -11.10
C LYS B 342 -43.09 15.48 -10.16
N PRO B 343 -43.95 16.37 -10.72
CA PRO B 343 -44.44 17.45 -9.84
C PRO B 343 -45.33 16.96 -8.69
N GLY B 344 -45.19 17.53 -7.48
CA GLY B 344 -46.04 17.23 -6.32
C GLY B 344 -45.68 16.09 -5.36
N VAL B 345 -45.29 14.95 -5.95
CA VAL B 345 -44.82 13.79 -5.21
C VAL B 345 -43.89 14.19 -4.06
N LEU B 346 -42.93 15.07 -4.37
CA LEU B 346 -41.94 15.62 -3.44
C LEU B 346 -42.44 16.37 -2.20
N GLU B 347 -43.67 16.85 -2.21
CA GLU B 347 -44.21 17.63 -1.07
C GLU B 347 -44.72 16.73 0.04
N ARG B 348 -45.04 15.50 -0.37
CA ARG B 348 -45.60 14.51 0.55
C ARG B 348 -44.54 14.03 1.56
N PHE B 349 -43.28 13.97 1.13
CA PHE B 349 -42.18 13.53 1.99
C PHE B 349 -41.22 14.62 2.58
N VAL B 350 -41.52 15.90 2.38
CA VAL B 350 -40.64 16.97 2.89
C VAL B 350 -41.45 18.10 3.43
N GLU B 351 -41.04 18.57 4.59
CA GLU B 351 -41.72 19.71 5.16
C GLU B 351 -40.98 21.05 4.87
N ASN B 352 -39.73 21.19 5.30
CA ASN B 352 -38.92 22.37 4.98
C ASN B 352 -38.93 22.81 3.50
N LYS B 353 -39.48 24.00 3.25
CA LYS B 353 -39.77 24.47 1.86
C LYS B 353 -38.54 25.06 1.17
N ASP B 354 -37.53 25.45 1.96
CA ASP B 354 -36.15 25.59 1.47
C ASP B 354 -35.61 24.32 0.89
N HIS B 355 -35.83 23.19 1.59
CA HIS B 355 -35.20 21.91 1.32
C HIS B 355 -35.89 21.38 0.13
N ILE B 356 -37.19 21.70 0.01
CA ILE B 356 -37.91 21.48 -1.26
C ILE B 356 -37.37 22.36 -2.35
N ALA B 357 -36.97 23.59 -2.06
CA ALA B 357 -36.32 24.39 -3.15
C ALA B 357 -34.97 23.84 -3.64
N LYS B 358 -34.12 23.46 -2.67
CA LYS B 358 -32.79 22.93 -2.96
C LYS B 358 -32.88 21.66 -3.83
N LEU B 359 -33.86 20.82 -3.52
CA LEU B 359 -34.02 19.60 -4.18
C LEU B 359 -34.57 19.86 -5.57
N ARG B 360 -35.61 20.68 -5.70
CA ARG B 360 -36.15 20.99 -7.03
C ARG B 360 -35.11 21.58 -8.00
N ALA B 361 -34.34 22.55 -7.54
CA ALA B 361 -33.10 23.05 -8.20
C ALA B 361 -32.10 22.00 -8.77
N CYS B 362 -31.86 20.90 -8.06
CA CYS B 362 -30.96 19.89 -8.63
C CYS B 362 -31.76 18.84 -9.26
N PHE B 363 -33.08 18.99 -9.14
CA PHE B 363 -34.03 18.15 -9.85
C PHE B 363 -34.14 18.62 -11.32
N ALA B 364 -33.83 17.68 -12.21
CA ALA B 364 -33.93 17.87 -13.62
C ALA B 364 -35.34 17.53 -14.06
N GLY B 365 -35.91 18.33 -14.95
CA GLY B 365 -37.24 18.05 -15.47
C GLY B 365 -37.54 16.57 -15.60
N LEU B 366 -38.67 16.14 -15.05
CA LEU B 366 -38.99 14.71 -14.97
C LEU B 366 -40.50 14.50 -15.04
N TRP B 367 -40.93 13.55 -15.88
CA TRP B 367 -42.32 13.50 -16.32
C TRP B 367 -42.86 12.14 -16.79
N SER B 368 -44.07 12.23 -17.28
CA SER B 368 -44.97 11.22 -17.86
C SER B 368 -45.58 10.12 -17.00
N LEU B 369 -46.71 10.49 -16.42
CA LEU B 369 -47.72 9.50 -16.13
C LEU B 369 -48.83 9.62 -17.18
N GLU B 370 -48.58 10.45 -18.21
CA GLU B 370 -49.57 10.89 -19.24
C GLU B 370 -49.28 12.27 -19.91
N ASP B 371 -48.10 12.85 -19.74
CA ASP B 371 -47.99 14.30 -20.00
C ASP B 371 -48.14 14.79 -21.47
N SER B 372 -48.68 16.02 -21.66
CA SER B 372 -48.69 16.73 -22.97
C SER B 372 -47.48 17.70 -23.08
N ASP B 373 -46.34 17.11 -22.77
CA ASP B 373 -45.05 17.74 -22.60
C ASP B 373 -44.13 16.65 -23.16
N ILE B 374 -44.79 15.51 -23.31
CA ILE B 374 -44.26 14.40 -24.05
C ILE B 374 -44.28 14.86 -25.50
N VAL B 375 -43.45 14.22 -26.29
CA VAL B 375 -43.37 14.41 -27.73
C VAL B 375 -43.85 15.79 -28.23
N LYS B 376 -44.56 16.50 -27.36
CA LYS B 376 -44.97 17.79 -27.76
C LYS B 376 -43.66 18.52 -27.64
N LYS B 377 -43.36 19.03 -26.44
CA LYS B 377 -42.19 19.85 -26.29
C LYS B 377 -41.01 18.94 -26.52
N ALA B 378 -41.26 17.76 -27.06
CA ALA B 378 -40.24 16.74 -26.98
C ALA B 378 -39.95 15.96 -28.25
N ILE B 379 -40.96 15.74 -29.10
CA ILE B 379 -40.75 15.31 -30.49
C ILE B 379 -40.33 16.57 -31.24
N GLU B 380 -40.75 17.73 -30.74
CA GLU B 380 -40.34 18.97 -31.37
C GLU B 380 -38.94 19.50 -31.00
N ASN B 381 -38.47 19.23 -29.79
CA ASN B 381 -37.10 19.60 -29.40
C ASN B 381 -36.35 18.46 -28.70
N PRO B 382 -36.30 17.28 -29.36
CA PRO B 382 -35.85 16.05 -28.71
C PRO B 382 -34.39 16.08 -28.31
N GLU B 383 -33.67 17.12 -28.73
CA GLU B 383 -32.28 17.31 -28.24
C GLU B 383 -32.24 17.65 -26.78
N LEU B 384 -33.35 18.04 -26.16
CA LEU B 384 -33.27 18.19 -24.69
C LEU B 384 -33.57 16.88 -23.96
N PHE B 385 -34.84 16.51 -23.98
CA PHE B 385 -35.33 15.36 -23.28
C PHE B 385 -34.58 14.08 -23.59
N VAL B 386 -35.42 13.01 -23.49
CA VAL B 386 -35.15 11.57 -23.70
C VAL B 386 -36.33 10.60 -23.38
N MET B 387 -36.48 9.57 -24.22
CA MET B 387 -37.15 8.28 -23.95
C MET B 387 -38.59 8.07 -24.46
N LYS B 388 -38.96 8.58 -25.63
CA LYS B 388 -40.31 8.33 -26.23
C LYS B 388 -40.19 8.09 -27.78
N PRO B 389 -41.28 7.67 -28.49
CA PRO B 389 -41.15 6.67 -29.58
C PRO B 389 -39.81 6.81 -30.36
N GLN B 390 -39.90 7.41 -31.55
CA GLN B 390 -39.08 8.62 -31.91
C GLN B 390 -37.59 8.38 -32.02
N TYR B 421 -39.35 3.07 -17.63
CA TYR B 421 -38.15 3.70 -18.21
C TYR B 421 -38.42 5.13 -18.83
N ILE B 422 -38.87 6.08 -17.93
CA ILE B 422 -39.35 7.31 -18.56
C ILE B 422 -38.58 8.70 -18.65
N LEU B 423 -38.97 9.82 -18.02
CA LEU B 423 -38.63 11.09 -18.75
C LEU B 423 -37.96 12.27 -18.00
N MET B 424 -36.84 12.72 -18.56
CA MET B 424 -35.99 13.65 -17.88
C MET B 424 -35.57 14.82 -18.79
N GLN B 425 -35.23 15.96 -18.20
CA GLN B 425 -34.64 17.04 -18.94
C GLN B 425 -33.27 16.52 -19.37
N ARG B 426 -32.74 16.95 -20.52
CA ARG B 426 -31.44 16.44 -20.95
C ARG B 426 -30.30 17.16 -20.37
N ILE B 427 -29.31 16.31 -20.15
CA ILE B 427 -28.21 16.57 -19.26
C ILE B 427 -27.07 16.88 -20.30
N PHE B 428 -26.52 18.12 -20.27
CA PHE B 428 -25.51 18.61 -21.27
C PHE B 428 -24.28 18.91 -20.50
N PRO B 429 -23.42 17.90 -20.32
CA PRO B 429 -22.32 18.05 -19.38
C PRO B 429 -21.13 18.91 -19.84
N ALA B 430 -20.50 19.65 -18.93
CA ALA B 430 -19.19 20.29 -19.17
C ALA B 430 -18.24 19.24 -19.71
N THR B 431 -17.36 19.63 -20.62
CA THR B 431 -16.22 18.73 -21.00
C THR B 431 -14.86 19.32 -20.57
N SER B 432 -13.86 18.49 -20.29
CA SER B 432 -12.54 19.04 -20.05
C SER B 432 -11.51 18.12 -20.63
N PRO B 433 -10.42 18.69 -21.10
CA PRO B 433 -9.35 17.84 -21.64
C PRO B 433 -8.71 17.18 -20.42
N ALA B 434 -8.30 15.95 -20.55
CA ALA B 434 -7.83 15.16 -19.46
C ALA B 434 -6.73 14.19 -19.97
N ILE B 435 -5.87 13.79 -19.00
CA ILE B 435 -4.96 12.71 -19.12
C ILE B 435 -5.52 11.50 -18.40
N LEU B 436 -5.55 10.36 -19.10
CA LEU B 436 -6.19 9.17 -18.59
C LEU B 436 -5.15 8.13 -18.43
N VAL B 437 -5.19 7.37 -17.31
CA VAL B 437 -4.09 6.43 -17.01
C VAL B 437 -4.73 5.10 -16.76
N ARG B 438 -4.26 4.07 -17.44
CA ARG B 438 -4.94 2.83 -17.37
C ARG B 438 -3.90 1.84 -17.72
N ASP B 439 -3.77 0.81 -16.88
CA ASP B 439 -2.72 -0.25 -17.04
C ASP B 439 -1.29 0.26 -17.25
N GLY B 440 -0.91 1.33 -16.52
CA GLY B 440 0.41 1.98 -16.62
C GLY B 440 0.56 2.80 -17.88
N ASN B 441 -0.49 2.89 -18.70
CA ASN B 441 -0.39 3.62 -19.94
C ASN B 441 -1.25 4.87 -19.87
N TRP B 442 -0.76 5.96 -20.43
CA TRP B 442 -1.58 7.14 -20.47
C TRP B 442 -1.90 7.56 -21.88
N ASP B 443 -3.06 8.16 -22.03
CA ASP B 443 -3.41 8.85 -23.25
C ASP B 443 -4.23 10.09 -22.90
N THR B 444 -4.33 11.01 -23.87
CA THR B 444 -5.15 12.21 -23.85
C THR B 444 -6.59 11.92 -24.31
N GLY B 445 -7.51 12.75 -23.90
CA GLY B 445 -8.89 12.39 -24.06
C GLY B 445 -9.69 13.61 -23.64
N HIS B 446 -10.85 13.77 -24.23
CA HIS B 446 -11.79 14.75 -23.74
C HIS B 446 -12.88 13.97 -23.00
N VAL B 447 -13.22 14.46 -21.80
CA VAL B 447 -13.99 13.69 -20.80
C VAL B 447 -15.11 14.50 -20.12
N ILE B 448 -16.07 13.79 -19.51
CA ILE B 448 -17.14 14.39 -18.69
C ILE B 448 -17.06 13.74 -17.28
N SER B 449 -17.41 14.53 -16.28
CA SER B 449 -17.26 14.09 -14.90
C SER B 449 -18.62 14.03 -14.17
N GLU B 450 -18.77 13.05 -13.29
CA GLU B 450 -19.87 12.96 -12.39
C GLU B 450 -19.44 12.85 -10.93
N ALA B 451 -19.90 13.83 -10.18
CA ALA B 451 -19.53 13.99 -8.79
C ALA B 451 -20.50 13.23 -7.88
N GLY B 452 -19.93 12.33 -7.10
CA GLY B 452 -20.63 11.62 -6.05
C GLY B 452 -20.36 12.11 -4.64
N ILE B 453 -21.34 12.80 -4.08
CA ILE B 453 -21.41 13.18 -2.67
C ILE B 453 -22.07 12.07 -1.78
N PHE B 454 -21.24 11.40 -0.97
CA PHE B 454 -21.68 10.51 0.09
C PHE B 454 -22.50 11.17 1.18
N GLY B 455 -23.40 10.39 1.79
CA GLY B 455 -24.09 10.82 2.97
C GLY B 455 -24.13 9.69 3.98
N THR B 456 -24.04 10.05 5.25
CA THR B 456 -24.18 9.06 6.29
C THR B 456 -25.29 9.40 7.26
N TYR B 457 -26.08 8.43 7.62
CA TYR B 457 -27.25 8.71 8.40
C TYR B 457 -27.41 7.55 9.38
N LEU B 458 -27.82 7.91 10.59
CA LEU B 458 -28.10 6.97 11.64
C LEU B 458 -29.05 7.61 12.63
N ARG B 459 -30.05 6.87 13.07
CA ARG B 459 -31.02 7.39 13.98
C ARG B 459 -31.55 6.25 14.84
N ASN B 460 -32.05 6.63 16.02
CA ASN B 460 -32.54 5.63 16.96
C ASN B 460 -33.82 6.26 17.44
N LYS B 461 -34.94 5.71 16.94
CA LYS B 461 -36.31 6.28 17.15
C LYS B 461 -36.23 7.68 16.59
N ASP B 462 -36.56 8.67 17.42
CA ASP B 462 -36.45 10.07 16.99
C ASP B 462 -35.13 10.73 17.19
N LYS B 463 -34.12 9.97 17.49
CA LYS B 463 -32.85 10.63 17.82
C LYS B 463 -32.03 10.47 16.56
N ILE B 464 -31.57 11.60 16.00
CA ILE B 464 -30.77 11.57 14.77
C ILE B 464 -29.34 11.54 15.31
N ILE B 465 -28.56 10.46 15.09
CA ILE B 465 -27.24 10.41 15.72
C ILE B 465 -26.20 11.03 14.80
N ILE B 466 -26.42 10.82 13.52
CA ILE B 466 -25.54 11.22 12.48
C ILE B 466 -26.51 11.55 11.36
N ASN B 467 -26.30 12.71 10.74
CA ASN B 467 -26.90 13.05 9.38
C ASN B 467 -26.01 14.04 8.74
N ASN B 468 -25.35 13.66 7.67
CA ASN B 468 -24.12 14.26 7.43
C ASN B 468 -23.66 14.00 5.96
N GLU B 469 -23.14 15.08 5.35
CA GLU B 469 -22.33 15.02 4.15
C GLU B 469 -20.99 14.33 4.48
N SER B 470 -20.54 13.37 3.68
CA SER B 470 -19.40 12.58 4.13
C SER B 470 -18.34 12.34 3.11
N GLY B 471 -17.77 13.39 2.53
CA GLY B 471 -16.80 13.20 1.44
C GLY B 471 -17.41 12.92 0.05
N TYR B 472 -16.57 12.48 -0.86
CA TYR B 472 -17.02 12.37 -2.26
C TYR B 472 -16.18 11.40 -2.98
N MET B 473 -16.68 11.12 -4.19
CA MET B 473 -15.93 10.51 -5.24
C MET B 473 -16.26 11.31 -6.52
N VAL B 474 -15.42 11.19 -7.55
CA VAL B 474 -15.78 11.71 -8.86
C VAL B 474 -15.55 10.59 -9.90
N ARG B 475 -16.51 10.45 -10.78
CA ARG B 475 -16.37 9.47 -11.89
C ARG B 475 -16.28 10.20 -13.23
N THR B 476 -15.21 9.96 -13.98
CA THR B 476 -14.87 10.78 -15.18
C THR B 476 -14.74 9.74 -16.34
N LYS B 477 -15.36 10.03 -17.49
CA LYS B 477 -15.31 9.16 -18.68
C LYS B 477 -15.22 9.93 -20.02
N ILE B 478 -14.51 9.38 -20.99
CA ILE B 478 -14.45 9.95 -22.35
C ILE B 478 -15.81 10.11 -23.04
N SER B 479 -16.04 8.92 -23.54
CA SER B 479 -16.87 8.41 -24.59
C SER B 479 -17.39 9.28 -25.76
N SER B 480 -18.66 9.27 -25.81
CA SER B 480 -19.42 9.40 -27.08
C SER B 480 -18.86 10.12 -28.35
N SER B 481 -18.15 11.24 -28.23
CA SER B 481 -17.70 11.96 -29.40
C SER B 481 -16.31 11.49 -29.86
N TYR B 482 -15.73 10.50 -29.13
CA TYR B 482 -14.34 9.97 -29.29
C TYR B 482 -14.10 8.46 -29.02
N GLU B 483 -12.87 8.04 -29.33
CA GLU B 483 -12.27 6.69 -29.10
C GLU B 483 -12.72 5.84 -27.90
N GLY B 484 -13.74 5.00 -28.06
CA GLY B 484 -14.20 4.19 -26.92
C GLY B 484 -14.99 2.87 -27.04
N GLY B 485 -16.32 3.00 -27.09
CA GLY B 485 -17.26 1.88 -26.86
C GLY B 485 -17.97 2.00 -25.51
N VAL B 486 -19.30 1.89 -25.54
CA VAL B 486 -20.14 2.01 -24.31
C VAL B 486 -20.05 0.84 -23.25
N LEU B 487 -19.27 1.13 -22.22
CA LEU B 487 -19.49 0.62 -20.87
C LEU B 487 -19.52 2.01 -20.21
N PRO B 488 -18.73 2.26 -19.15
CA PRO B 488 -17.76 3.32 -19.35
C PRO B 488 -16.34 2.72 -19.60
N GLY B 489 -16.17 1.40 -19.44
CA GLY B 489 -14.82 0.79 -19.36
C GLY B 489 -14.34 1.38 -18.06
N PHE B 490 -15.41 1.19 -17.20
CA PHE B 490 -15.92 1.84 -15.98
C PHE B 490 -15.46 3.35 -15.88
N GLY B 491 -14.83 3.90 -16.93
CA GLY B 491 -14.45 5.32 -16.94
C GLY B 491 -13.15 5.41 -16.16
N VAL B 492 -12.85 6.58 -15.58
CA VAL B 492 -11.76 6.65 -14.61
C VAL B 492 -12.17 7.36 -13.29
N VAL B 493 -11.35 7.24 -12.25
CA VAL B 493 -11.57 7.96 -10.95
C VAL B 493 -10.95 9.38 -10.96
N ASP B 494 -11.55 10.36 -10.28
CA ASP B 494 -11.16 11.71 -10.50
C ASP B 494 -11.36 12.47 -9.20
N THR B 495 -11.00 13.76 -9.18
CA THR B 495 -11.48 14.71 -8.14
C THR B 495 -11.98 15.95 -8.86
N VAL B 496 -11.96 17.08 -8.19
CA VAL B 496 -12.36 18.34 -8.84
C VAL B 496 -11.46 19.38 -8.25
N TYR B 497 -11.28 20.43 -9.05
CA TYR B 497 -10.59 21.61 -8.73
C TYR B 497 -11.60 22.73 -8.64
N LEU B 498 -11.72 23.38 -7.49
CA LEU B 498 -12.82 24.32 -7.31
C LEU B 498 -12.58 25.66 -7.97
N THR B 499 -13.65 26.00 -8.75
CA THR B 499 -13.96 27.24 -9.51
C THR B 499 -13.17 27.45 -10.82
N1 3GC C . 17.77 -3.50 -6.36
CA1 3GC C . 18.04 -2.89 -5.07
C1 3GC C . 16.96 -3.22 -4.01
O11 3GC C . 16.52 -2.29 -3.28
O12 3GC C . 16.48 -4.39 -3.88
CB1 3GC C . 19.49 -3.23 -4.74
CG1 3GC C . 19.83 -3.30 -3.26
CD1 3GC C . 20.56 -4.59 -2.89
OE1 3GC C . 21.04 -5.41 -3.82
N2 3GC C . 20.67 -4.81 -1.65
CA2 3GC C . 21.34 -5.93 -1.03
C2 3GC C . 20.69 -6.49 0.17
O2 3GC C . 20.66 -5.73 1.11
CB2 3GC C . 22.43 -5.14 -0.32
SG2 3GC C . 24.01 -5.12 -1.16
O3 3GC C . 20.26 -7.77 0.25
N1 3GC D . -18.58 -4.67 -5.77
CA1 3GC D . -19.26 -3.58 -5.16
C1 3GC D . -18.34 -2.80 -4.23
O11 3GC D . -18.66 -2.77 -3.03
O12 3GC D . -17.27 -2.24 -4.63
CB1 3GC D . -19.90 -2.77 -6.26
CG1 3GC D . -20.98 -1.89 -5.63
CD1 3GC D . -21.30 -0.85 -6.64
OE1 3GC D . -21.05 -1.13 -7.92
N2 3GC D . -21.79 0.28 -6.35
CA2 3GC D . -22.01 1.15 -7.51
C2 3GC D . -21.48 2.56 -7.33
O2 3GC D . -21.57 3.11 -6.24
CB2 3GC D . -23.48 1.04 -7.91
SG2 3GC D . -24.68 0.75 -6.56
O3 3GC D . -20.89 3.15 -8.40
N1 3GC E . -11.89 21.23 0.72
CA1 3GC E . -12.25 20.82 2.04
C1 3GC E . -11.49 21.84 2.78
O11 3GC E . -11.48 21.85 4.02
O12 3GC E . -10.86 22.59 2.01
CB1 3GC E . -13.76 20.85 2.29
CG1 3GC E . -14.55 19.52 2.25
CD1 3GC E . -15.90 20.06 1.84
OE1 3GC E . -17.16 19.64 2.22
N2 3GC E . -15.58 21.00 1.11
CA2 3GC E . -16.36 21.99 0.39
C2 3GC E . -15.39 23.11 0.15
O2 3GC E . -14.20 22.85 0.32
CB2 3GC E . -17.52 22.29 1.32
SG2 3GC E . -18.75 21.05 0.90
O3 3GC E . -15.82 24.32 -0.26
#